data_4FJV
#
_entry.id   4FJV
#
_cell.length_a   54.063
_cell.length_b   76.825
_cell.length_c   198.847
_cell.angle_alpha   90.00
_cell.angle_beta   90.00
_cell.angle_gamma   90.00
#
_symmetry.space_group_name_H-M   'P 21 21 21'
#
loop_
_entity.id
_entity.type
_entity.pdbx_description
1 polymer 'Ubiquitin thioesterase OTUB2'
2 polymer Polyubiquitin-C
3 non-polymer GLYCEROL
4 non-polymer ETHANAMINE
5 water water
#
loop_
_entity_poly.entity_id
_entity_poly.type
_entity_poly.pdbx_seq_one_letter_code
_entity_poly.pdbx_strand_id
1 'polypeptide(L)'
;GSHMSETSFNLISEKCDILSILRDHPENRIYRRKIEELSKRFTAIRKTKGDGNCFYRALGYSYLESLLGKSREIFKFKER
VLQTPNDLLAAGFEEHKFRNFFNAFYSVVELVEKDGSVSSLLKVFNDQSASDHIVQFLRLLTSAFIRNRADFFRHFIDEE
MDIKDFCTHEVEPMATECDHIQITALSQALSIALQVEYVDEMDTALNHHVFPEAATPSVYLLYKTSHYNILYAADKH
;
A,C
2 'polypeptide(L)'
;YPYDVPDYAHMQIFVKTLTGKTITLEVEPSDTIENVKAKIQDKEGIPPDQQRLIFAGKQLEDGRTLSDYNIQKESTLHLV
LRLRGG
;
B,D
#
loop_
_chem_comp.id
_chem_comp.type
_chem_comp.name
_chem_comp.formula
GOL non-polymer GLYCEROL 'C3 H8 O3'
NEH non-polymer ETHANAMINE 'C2 H7 N'
#
# COMPACT_ATOMS: atom_id res chain seq x y z
N SER A 5 3.03 -14.89 -25.26
CA SER A 5 3.68 -14.16 -24.17
C SER A 5 3.57 -12.65 -24.37
N GLU A 6 2.57 -12.04 -23.76
CA GLU A 6 2.30 -10.62 -23.94
C GLU A 6 3.35 -9.73 -23.30
N THR A 7 3.63 -8.60 -23.96
CA THR A 7 4.58 -7.62 -23.43
C THR A 7 4.04 -6.90 -22.20
N SER A 8 4.83 -6.90 -21.14
CA SER A 8 4.44 -6.27 -19.89
C SER A 8 5.49 -5.26 -19.42
N PHE A 9 5.02 -4.27 -18.66
CA PHE A 9 5.84 -3.18 -18.15
C PHE A 9 5.45 -2.90 -16.70
N ASN A 10 4.93 -3.92 -16.05
CA ASN A 10 4.40 -3.83 -14.71
C ASN A 10 5.49 -3.70 -13.63
N LEU A 11 6.71 -4.13 -13.94
CA LEU A 11 7.79 -4.13 -12.95
C LEU A 11 8.85 -3.07 -13.27
N ILE A 12 9.27 -3.01 -14.52
CA ILE A 12 10.12 -1.95 -15.04
C ILE A 12 9.38 -1.33 -16.24
N SER A 13 9.04 -0.04 -16.13
CA SER A 13 8.18 0.61 -17.12
C SER A 13 8.95 1.07 -18.35
N GLU A 14 8.18 1.53 -19.33
CA GLU A 14 8.75 2.11 -20.54
C GLU A 14 9.38 3.45 -20.16
N LYS A 15 10.36 3.89 -20.95
CA LYS A 15 11.05 5.14 -20.65
C LYS A 15 10.28 6.37 -21.22
N CYS A 16 10.07 7.38 -20.36
CA CYS A 16 9.39 8.62 -20.73
C CYS A 16 10.28 9.83 -20.43
N ASP A 17 10.04 10.95 -21.10
CA ASP A 17 10.70 12.21 -20.76
C ASP A 17 10.46 12.54 -19.30
N ILE A 18 11.49 13.09 -18.65
CA ILE A 18 11.46 13.33 -17.20
C ILE A 18 10.27 14.17 -16.71
N LEU A 19 9.87 15.19 -17.46
CA LEU A 19 8.80 16.05 -16.96
C LEU A 19 7.43 15.38 -16.93
N SER A 20 7.36 14.15 -17.42
CA SER A 20 6.16 13.34 -17.31
C SER A 20 5.68 13.21 -15.86
N ILE A 21 6.61 13.20 -14.90
CA ILE A 21 6.22 13.00 -13.51
C ILE A 21 5.64 14.24 -12.82
N LEU A 22 5.60 15.38 -13.51
CA LEU A 22 4.84 16.52 -13.02
C LEU A 22 3.39 16.10 -12.84
N ARG A 23 2.95 15.16 -13.67
CA ARG A 23 1.58 14.65 -13.60
C ARG A 23 1.27 13.91 -12.32
N ASP A 24 2.30 13.42 -11.63
CA ASP A 24 2.11 12.78 -10.34
C ASP A 24 1.94 13.77 -9.19
N HIS A 25 2.34 15.02 -9.43
CA HIS A 25 2.23 16.07 -8.40
C HIS A 25 1.59 17.31 -9.00
N PRO A 26 0.31 17.20 -9.39
CA PRO A 26 -0.33 18.27 -10.15
C PRO A 26 -0.46 19.57 -9.33
N GLU A 27 -0.56 19.43 -8.01
CA GLU A 27 -0.86 20.57 -7.16
C GLU A 27 0.15 20.82 -6.04
N ASN A 28 1.37 20.31 -6.20
CA ASN A 28 2.40 20.61 -5.24
C ASN A 28 3.52 21.42 -5.88
N ARG A 29 3.56 22.71 -5.56
CA ARG A 29 4.51 23.62 -6.15
C ARG A 29 5.95 23.22 -5.85
N ILE A 30 6.19 22.71 -4.64
CA ILE A 30 7.52 22.24 -4.28
C ILE A 30 8.01 21.07 -5.13
N TYR A 31 7.18 20.03 -5.27
CA TYR A 31 7.54 18.89 -6.12
C TYR A 31 7.80 19.34 -7.56
N ARG A 32 6.89 20.15 -8.08
CA ARG A 32 7.02 20.65 -9.43
C ARG A 32 8.35 21.37 -9.62
N ARG A 33 8.66 22.26 -8.69
CA ARG A 33 9.92 22.98 -8.73
C ARG A 33 11.13 22.03 -8.76
N LYS A 34 11.17 21.09 -7.83
CA LYS A 34 12.25 20.13 -7.77
C LYS A 34 12.36 19.29 -9.04
N ILE A 35 11.22 18.88 -9.58
CA ILE A 35 11.23 18.07 -10.80
C ILE A 35 11.76 18.88 -12.00
N GLU A 36 11.39 20.16 -12.07
CA GLU A 36 11.89 21.05 -13.11
C GLU A 36 13.39 21.19 -13.00
N GLU A 37 13.86 21.32 -11.76
CA GLU A 37 15.27 21.43 -11.49
C GLU A 37 16.02 20.16 -11.91
N LEU A 38 15.48 18.99 -11.58
CA LEU A 38 16.04 17.70 -12.00
C LEU A 38 16.23 17.64 -13.51
N SER A 39 15.28 18.20 -14.25
CA SER A 39 15.30 18.12 -15.69
C SER A 39 16.54 18.80 -16.32
N LYS A 40 17.23 19.64 -15.56
CA LYS A 40 18.44 20.27 -16.05
C LYS A 40 19.57 19.23 -16.20
N ARG A 41 19.50 18.16 -15.42
CA ARG A 41 20.58 17.17 -15.42
C ARG A 41 20.12 15.82 -15.95
N PHE A 42 18.81 15.56 -15.87
CA PHE A 42 18.24 14.30 -16.31
C PHE A 42 17.15 14.45 -17.38
N THR A 43 17.21 13.62 -18.41
CA THR A 43 16.29 13.73 -19.54
C THR A 43 15.09 12.78 -19.49
N ALA A 44 15.27 11.62 -18.86
CA ALA A 44 14.20 10.64 -18.87
C ALA A 44 14.11 9.81 -17.60
N ILE A 45 13.03 9.05 -17.47
CA ILE A 45 12.76 8.26 -16.28
C ILE A 45 12.06 6.95 -16.64
N ARG A 46 12.38 5.90 -15.87
CA ARG A 46 11.63 4.64 -15.86
C ARG A 46 11.09 4.39 -14.47
N LYS A 47 9.84 4.00 -14.35
CA LYS A 47 9.29 3.65 -13.04
C LYS A 47 9.44 2.16 -12.75
N THR A 48 9.53 1.82 -11.48
CA THR A 48 9.61 0.44 -11.04
C THR A 48 8.39 0.21 -10.17
N LYS A 49 7.99 -1.04 -10.03
CA LYS A 49 6.81 -1.35 -9.24
C LYS A 49 7.03 -1.05 -7.74
N GLY A 50 5.98 -0.53 -7.08
CA GLY A 50 6.05 -0.24 -5.67
C GLY A 50 5.73 -1.45 -4.80
N ASP A 51 6.62 -2.44 -4.80
CA ASP A 51 6.37 -3.70 -4.08
C ASP A 51 7.35 -3.98 -2.95
N GLY A 52 8.22 -3.04 -2.64
CA GLY A 52 9.20 -3.26 -1.59
C GLY A 52 10.53 -3.69 -2.14
N ASN A 53 10.57 -4.04 -3.42
CA ASN A 53 11.80 -4.52 -4.03
C ASN A 53 12.40 -3.46 -4.94
N CYS A 54 11.79 -2.29 -4.92
CA CYS A 54 12.04 -1.29 -5.95
C CYS A 54 13.51 -0.97 -6.12
N PHE A 55 14.26 -0.89 -5.02
CA PHE A 55 15.66 -0.52 -5.12
C PHE A 55 16.47 -1.60 -5.81
N TYR A 56 16.27 -2.84 -5.40
CA TYR A 56 17.05 -3.96 -5.93
C TYR A 56 16.71 -4.15 -7.40
N ARG A 57 15.43 -4.10 -7.74
CA ARG A 57 15.04 -4.27 -9.14
C ARG A 57 15.61 -3.16 -10.02
N ALA A 58 15.55 -1.93 -9.51
CA ALA A 58 16.01 -0.76 -10.24
C ALA A 58 17.51 -0.80 -10.50
N LEU A 59 18.26 -1.20 -9.48
CA LEU A 59 19.72 -1.15 -9.58
C LEU A 59 20.17 -2.21 -10.55
N GLY A 60 19.59 -3.40 -10.41
CA GLY A 60 19.88 -4.49 -11.30
C GLY A 60 19.58 -4.13 -12.73
N TYR A 61 18.36 -3.68 -13.00
CA TYR A 61 18.02 -3.39 -14.40
C TYR A 61 18.89 -2.28 -14.99
N SER A 62 19.00 -1.18 -14.27
CA SER A 62 19.71 -0.01 -14.78
C SER A 62 21.20 -0.28 -14.98
N TYR A 63 21.80 -1.05 -14.07
CA TYR A 63 23.23 -1.33 -14.22
C TYR A 63 23.48 -2.26 -15.40
N LEU A 64 22.63 -3.28 -15.55
CA LEU A 64 22.75 -4.18 -16.70
C LEU A 64 22.46 -3.44 -17.99
N GLU A 65 21.44 -2.59 -17.97
CA GLU A 65 21.14 -1.78 -19.13
C GLU A 65 22.34 -0.88 -19.50
N SER A 66 23.10 -0.43 -18.52
CA SER A 66 24.23 0.47 -18.81
C SER A 66 25.42 -0.29 -19.40
N LEU A 67 25.37 -1.61 -19.32
CA LEU A 67 26.42 -2.47 -19.87
C LEU A 67 26.22 -2.78 -21.35
N LEU A 68 24.97 -2.74 -21.81
CA LEU A 68 24.64 -3.12 -23.18
C LEU A 68 25.60 -2.49 -24.18
N GLY A 69 26.26 -3.34 -24.96
CA GLY A 69 27.15 -2.85 -26.01
C GLY A 69 28.58 -2.60 -25.55
N LYS A 70 28.85 -2.83 -24.27
CA LYS A 70 30.20 -2.62 -23.74
C LYS A 70 30.88 -3.95 -23.43
N SER A 71 31.47 -4.56 -24.46
CA SER A 71 32.07 -5.89 -24.35
C SER A 71 33.08 -6.00 -23.22
N ARG A 72 33.97 -5.01 -23.11
CA ARG A 72 35.03 -5.06 -22.10
C ARG A 72 34.47 -4.99 -20.69
N GLU A 73 33.60 -4.01 -20.47
CA GLU A 73 32.98 -3.83 -19.16
C GLU A 73 32.13 -5.03 -18.79
N ILE A 74 31.44 -5.60 -19.78
CA ILE A 74 30.63 -6.78 -19.57
C ILE A 74 31.48 -7.96 -19.11
N PHE A 75 32.62 -8.15 -19.76
CA PHE A 75 33.47 -9.27 -19.42
C PHE A 75 34.01 -9.15 -18.01
N LYS A 76 34.44 -7.94 -17.65
CA LYS A 76 34.99 -7.70 -16.33
C LYS A 76 33.90 -7.90 -15.26
N PHE A 77 32.67 -7.51 -15.56
CA PHE A 77 31.60 -7.71 -14.59
C PHE A 77 31.24 -9.20 -14.45
N LYS A 78 31.29 -9.92 -15.57
CA LYS A 78 30.98 -11.35 -15.56
C LYS A 78 31.99 -12.10 -14.69
N GLU A 79 33.25 -11.71 -14.78
CA GLU A 79 34.28 -12.34 -13.95
C GLU A 79 33.97 -12.14 -12.48
N ARG A 80 33.45 -10.96 -12.15
CA ARG A 80 33.12 -10.66 -10.76
C ARG A 80 31.90 -11.46 -10.30
N VAL A 81 30.95 -11.65 -11.21
CA VAL A 81 29.73 -12.37 -10.88
C VAL A 81 30.06 -13.83 -10.62
N LEU A 82 31.08 -14.33 -11.31
CA LEU A 82 31.53 -15.69 -11.13
C LEU A 82 32.15 -15.98 -9.75
N GLN A 83 32.64 -14.94 -9.10
CA GLN A 83 33.24 -15.11 -7.77
C GLN A 83 32.22 -15.00 -6.66
N THR A 84 31.02 -14.54 -6.98
CA THR A 84 30.00 -14.33 -5.94
C THR A 84 29.50 -15.57 -5.18
N PRO A 85 29.52 -16.76 -5.82
CA PRO A 85 29.17 -17.92 -4.98
C PRO A 85 30.11 -18.09 -3.79
N ASN A 86 31.41 -17.84 -3.99
CA ASN A 86 32.36 -17.93 -2.88
C ASN A 86 32.01 -16.95 -1.76
N ASP A 87 31.59 -15.75 -2.14
CA ASP A 87 31.12 -14.77 -1.16
C ASP A 87 29.94 -15.34 -0.35
N LEU A 88 29.00 -15.97 -1.05
CA LEU A 88 27.78 -16.50 -0.42
C LEU A 88 28.12 -17.66 0.54
N LEU A 89 29.02 -18.52 0.10
CA LEU A 89 29.47 -19.63 0.94
C LEU A 89 30.16 -19.14 2.22
N ALA A 90 31.11 -18.23 2.06
CA ALA A 90 31.83 -17.65 3.20
C ALA A 90 30.88 -17.09 4.26
N ALA A 91 29.71 -16.63 3.84
CA ALA A 91 28.73 -16.04 4.78
C ALA A 91 27.76 -17.07 5.31
N GLY A 92 27.96 -18.32 4.92
CA GLY A 92 27.19 -19.41 5.45
C GLY A 92 25.95 -19.79 4.68
N PHE A 93 25.74 -19.18 3.51
CA PHE A 93 24.64 -19.62 2.65
C PHE A 93 25.03 -20.93 2.00
N GLU A 94 24.05 -21.79 1.74
CA GLU A 94 24.29 -23.11 1.17
C GLU A 94 24.02 -23.13 -0.32
N GLU A 95 24.97 -23.68 -1.08
CA GLU A 95 24.88 -23.72 -2.52
C GLU A 95 23.53 -24.23 -3.03
N HIS A 96 23.00 -25.28 -2.40
CA HIS A 96 21.75 -25.84 -2.91
C HIS A 96 20.57 -24.92 -2.65
N LYS A 97 20.78 -23.89 -1.84
CA LYS A 97 19.72 -22.95 -1.54
C LYS A 97 19.85 -21.65 -2.34
N PHE A 98 21.06 -21.31 -2.77
CA PHE A 98 21.24 -20.10 -3.56
C PHE A 98 21.35 -20.35 -5.07
N ARG A 99 21.39 -21.63 -5.46
CA ARG A 99 21.59 -22.03 -6.84
C ARG A 99 20.68 -21.38 -7.89
N ASN A 100 19.37 -21.42 -7.66
CA ASN A 100 18.43 -20.89 -8.66
C ASN A 100 18.54 -19.39 -8.82
N PHE A 101 18.90 -18.71 -7.72
CA PHE A 101 18.99 -17.27 -7.75
C PHE A 101 20.27 -16.82 -8.45
N PHE A 102 21.38 -17.44 -8.11
CA PHE A 102 22.63 -17.20 -8.82
C PHE A 102 22.47 -17.54 -10.30
N ASN A 103 21.75 -18.62 -10.58
CA ASN A 103 21.52 -19.01 -11.96
C ASN A 103 20.77 -17.94 -12.74
N ALA A 104 19.68 -17.44 -12.17
CA ALA A 104 18.90 -16.38 -12.81
C ALA A 104 19.77 -15.17 -13.11
N PHE A 105 20.61 -14.76 -12.17
CA PHE A 105 21.44 -13.58 -12.41
C PHE A 105 22.52 -13.78 -13.46
N TYR A 106 23.21 -14.92 -13.40
CA TYR A 106 24.21 -15.24 -14.40
C TYR A 106 23.60 -15.35 -15.81
N SER A 107 22.41 -15.94 -15.90
CA SER A 107 21.68 -16.01 -17.16
C SER A 107 21.39 -14.63 -17.77
N VAL A 108 20.95 -13.67 -16.94
CA VAL A 108 20.67 -12.34 -17.49
C VAL A 108 21.95 -11.60 -17.85
N VAL A 109 23.03 -11.87 -17.14
CA VAL A 109 24.32 -11.29 -17.50
C VAL A 109 24.75 -11.81 -18.87
N GLU A 110 24.53 -13.10 -19.11
CA GLU A 110 24.93 -13.68 -20.37
C GLU A 110 24.09 -13.13 -21.53
N LEU A 111 22.83 -12.85 -21.24
CA LEU A 111 21.92 -12.25 -22.21
C LEU A 111 22.44 -10.90 -22.67
N VAL A 112 22.90 -10.10 -21.71
CA VAL A 112 23.53 -8.81 -22.01
C VAL A 112 24.82 -9.04 -22.81
N GLU A 113 25.59 -10.04 -22.43
CA GLU A 113 26.87 -10.30 -23.09
C GLU A 113 26.70 -10.69 -24.54
N LYS A 114 25.77 -11.60 -24.81
CA LYS A 114 25.56 -12.11 -26.16
C LYS A 114 24.70 -11.13 -26.96
N ASP A 115 25.20 -9.90 -27.08
CA ASP A 115 24.57 -8.81 -27.84
C ASP A 115 23.08 -8.63 -27.55
N GLY A 116 22.75 -8.44 -26.28
CA GLY A 116 21.38 -8.27 -25.87
C GLY A 116 20.87 -6.91 -26.26
N SER A 117 19.56 -6.75 -26.18
CA SER A 117 18.97 -5.45 -26.47
C SER A 117 18.26 -4.96 -25.23
N VAL A 118 17.91 -3.67 -25.23
CA VAL A 118 17.09 -3.13 -24.16
C VAL A 118 15.79 -3.92 -24.10
N SER A 119 15.25 -4.21 -25.27
CA SER A 119 13.99 -4.92 -25.38
C SER A 119 14.02 -6.32 -24.72
N SER A 120 15.08 -7.09 -24.93
CA SER A 120 15.13 -8.43 -24.32
C SER A 120 15.44 -8.35 -22.81
N LEU A 121 16.24 -7.37 -22.42
CA LEU A 121 16.51 -7.16 -21.01
C LEU A 121 15.22 -6.79 -20.26
N LEU A 122 14.42 -5.93 -20.86
CA LEU A 122 13.14 -5.53 -20.28
C LEU A 122 12.22 -6.73 -20.09
N LYS A 123 12.26 -7.65 -21.07
CA LYS A 123 11.41 -8.84 -21.03
C LYS A 123 11.76 -9.71 -19.83
N VAL A 124 13.04 -9.85 -19.54
CA VAL A 124 13.44 -10.60 -18.35
C VAL A 124 12.98 -9.90 -17.08
N PHE A 125 13.23 -8.59 -16.98
CA PHE A 125 12.95 -7.87 -15.75
C PHE A 125 11.46 -7.62 -15.54
N ASN A 126 10.69 -7.83 -16.58
CA ASN A 126 9.24 -7.77 -16.48
C ASN A 126 8.57 -9.14 -16.38
N ASP A 127 9.37 -10.20 -16.48
CA ASP A 127 8.90 -11.55 -16.20
C ASP A 127 8.95 -11.77 -14.68
N GLN A 128 7.79 -12.02 -14.08
CA GLN A 128 7.66 -11.99 -12.62
C GLN A 128 8.63 -12.94 -11.93
N SER A 129 8.68 -14.17 -12.41
CA SER A 129 9.53 -15.18 -11.81
C SER A 129 11.01 -14.85 -12.01
N ALA A 130 11.45 -14.61 -13.24
CA ALA A 130 12.87 -14.32 -13.48
C ALA A 130 13.32 -13.01 -12.82
N SER A 131 12.43 -12.04 -12.75
CA SER A 131 12.78 -10.75 -12.18
C SER A 131 12.95 -10.90 -10.68
N ASP A 132 11.98 -11.54 -10.04
CA ASP A 132 12.05 -11.77 -8.61
C ASP A 132 13.24 -12.62 -8.19
N HIS A 133 13.63 -13.57 -9.03
CA HIS A 133 14.80 -14.40 -8.79
C HIS A 133 16.08 -13.59 -8.82
N ILE A 134 16.17 -12.65 -9.77
CA ILE A 134 17.28 -11.70 -9.81
C ILE A 134 17.32 -10.84 -8.56
N VAL A 135 16.16 -10.37 -8.11
CA VAL A 135 16.09 -9.56 -6.89
C VAL A 135 16.55 -10.36 -5.66
N GLN A 136 15.98 -11.56 -5.48
CA GLN A 136 16.39 -12.44 -4.42
C GLN A 136 17.90 -12.73 -4.40
N PHE A 137 18.50 -12.90 -5.56
CA PHE A 137 19.94 -13.06 -5.60
C PHE A 137 20.66 -11.82 -5.11
N LEU A 138 20.20 -10.65 -5.54
CA LEU A 138 20.82 -9.41 -5.11
C LEU A 138 20.67 -9.23 -3.61
N ARG A 139 19.50 -9.59 -3.08
CA ARG A 139 19.28 -9.58 -1.64
C ARG A 139 20.28 -10.47 -0.87
N LEU A 140 20.53 -11.68 -1.36
CA LEU A 140 21.45 -12.61 -0.71
C LEU A 140 22.88 -12.10 -0.78
N LEU A 141 23.26 -11.59 -1.92
CA LEU A 141 24.59 -11.05 -2.07
C LEU A 141 24.81 -9.84 -1.13
N THR A 142 23.77 -9.03 -0.96
CA THR A 142 23.84 -7.91 -0.01
C THR A 142 24.03 -8.43 1.42
N SER A 143 23.24 -9.44 1.79
CA SER A 143 23.35 -10.08 3.10
C SER A 143 24.73 -10.69 3.33
N ALA A 144 25.25 -11.40 2.33
CA ALA A 144 26.60 -11.97 2.42
C ALA A 144 27.68 -10.90 2.62
N PHE A 145 27.56 -9.77 1.93
CA PHE A 145 28.57 -8.72 2.05
C PHE A 145 28.63 -8.22 3.48
N ILE A 146 27.46 -8.04 4.08
CA ILE A 146 27.32 -7.52 5.45
C ILE A 146 27.80 -8.56 6.47
N ARG A 147 27.31 -9.78 6.35
CA ARG A 147 27.73 -10.86 7.22
C ARG A 147 29.24 -11.08 7.20
N ASN A 148 29.86 -10.99 6.02
CA ASN A 148 31.30 -11.20 5.93
C ASN A 148 32.12 -10.05 6.51
N ARG A 149 31.44 -8.96 6.86
CA ARG A 149 32.07 -7.78 7.44
C ARG A 149 31.30 -7.32 8.68
N ALA A 150 30.75 -8.30 9.41
CA ALA A 150 29.93 -8.05 10.59
C ALA A 150 30.57 -7.16 11.63
N ASP A 151 31.89 -7.20 11.72
CA ASP A 151 32.60 -6.43 12.74
C ASP A 151 32.54 -4.93 12.45
N PHE A 152 32.49 -4.60 11.17
CA PHE A 152 32.35 -3.21 10.73
C PHE A 152 30.90 -2.74 10.84
N PHE A 153 29.97 -3.51 10.27
CA PHE A 153 28.58 -3.07 10.13
C PHE A 153 27.75 -3.12 11.42
N ARG A 154 28.20 -3.86 12.42
CA ARG A 154 27.41 -4.02 13.65
C ARG A 154 27.24 -2.72 14.42
N HIS A 155 28.20 -1.82 14.23
CA HIS A 155 28.17 -0.52 14.91
C HIS A 155 27.08 0.41 14.39
N PHE A 156 26.52 0.09 13.23
CA PHE A 156 25.57 0.95 12.57
C PHE A 156 24.13 0.43 12.66
N ILE A 157 23.90 -0.54 13.55
CA ILE A 157 22.57 -1.10 13.73
C ILE A 157 21.97 -0.56 15.01
N ASP A 158 20.73 -0.10 14.95
CA ASP A 158 20.06 0.46 16.12
C ASP A 158 19.16 -0.57 16.81
N GLU A 159 18.39 -0.09 17.77
CA GLU A 159 17.64 -0.93 18.71
C GLU A 159 18.35 -2.20 19.18
N GLU A 160 19.67 -2.07 19.34
CA GLU A 160 20.53 -3.12 19.89
C GLU A 160 20.18 -4.46 19.27
N MET A 161 20.10 -4.43 17.94
CA MET A 161 19.74 -5.59 17.14
C MET A 161 21.02 -6.24 16.65
N ASP A 162 21.04 -7.57 16.63
CA ASP A 162 22.18 -8.35 16.15
C ASP A 162 22.29 -8.23 14.60
N ILE A 163 23.51 -8.16 14.10
CA ILE A 163 23.75 -8.14 12.64
C ILE A 163 23.03 -9.26 11.89
N LYS A 164 23.16 -10.47 12.39
CA LYS A 164 22.61 -11.66 11.76
C LYS A 164 21.09 -11.57 11.70
N ASP A 165 20.49 -11.10 12.79
CA ASP A 165 19.05 -10.87 12.81
C ASP A 165 18.66 -9.79 11.80
N PHE A 166 19.48 -8.75 11.69
CA PHE A 166 19.25 -7.69 10.71
C PHE A 166 19.19 -8.25 9.28
N CYS A 167 20.21 -9.01 8.91
CA CYS A 167 20.26 -9.58 7.57
C CYS A 167 19.10 -10.55 7.33
N THR A 168 18.84 -11.40 8.30
CA THR A 168 17.74 -12.36 8.23
C THR A 168 16.38 -11.70 7.99
N HIS A 169 16.12 -10.57 8.65
CA HIS A 169 14.78 -9.98 8.62
C HIS A 169 14.61 -8.76 7.71
N GLU A 170 15.70 -8.10 7.33
CA GLU A 170 15.57 -6.80 6.69
C GLU A 170 16.39 -6.67 5.42
N VAL A 171 17.16 -7.72 5.11
CA VAL A 171 17.90 -7.75 3.85
C VAL A 171 17.44 -8.92 2.97
N GLU A 172 17.48 -10.14 3.52
CA GLU A 172 17.15 -11.38 2.76
C GLU A 172 15.71 -11.57 2.24
N PRO A 173 14.69 -11.19 3.03
CA PRO A 173 13.34 -11.52 2.55
C PRO A 173 12.87 -10.60 1.42
N MET A 174 12.15 -11.16 0.44
CA MET A 174 11.53 -10.36 -0.61
C MET A 174 10.57 -9.34 0.01
N ALA A 175 10.49 -8.18 -0.63
CA ALA A 175 9.56 -7.10 -0.26
C ALA A 175 9.94 -6.33 1.00
N THR A 176 11.12 -6.59 1.54
CA THR A 176 11.59 -5.75 2.65
C THR A 176 12.35 -4.55 2.11
N GLU A 177 11.94 -3.36 2.53
CA GLU A 177 12.52 -2.11 2.00
C GLU A 177 14.01 -2.00 2.30
N CYS A 178 14.77 -1.42 1.36
CA CYS A 178 16.18 -1.25 1.56
C CYS A 178 16.40 -0.03 2.44
N ASP A 179 17.66 0.25 2.77
CA ASP A 179 18.05 1.47 3.47
C ASP A 179 19.54 1.65 3.19
N HIS A 180 20.17 2.62 3.86
CA HIS A 180 21.56 3.02 3.54
C HIS A 180 22.53 1.84 3.55
N ILE A 181 22.49 1.05 4.63
CA ILE A 181 23.37 -0.10 4.78
C ILE A 181 23.27 -1.05 3.57
N GLN A 182 22.06 -1.52 3.30
CA GLN A 182 21.81 -2.40 2.13
C GLN A 182 22.35 -1.78 0.84
N ILE A 183 22.00 -0.51 0.62
CA ILE A 183 22.38 0.18 -0.60
C ILE A 183 23.90 0.21 -0.82
N THR A 184 24.64 0.71 0.17
CA THR A 184 26.08 0.79 0.01
C THR A 184 26.71 -0.59 0.00
N ALA A 185 26.12 -1.54 0.71
CA ALA A 185 26.64 -2.92 0.71
C ALA A 185 26.54 -3.55 -0.69
N LEU A 186 25.39 -3.39 -1.35
CA LEU A 186 25.23 -4.00 -2.66
C LEU A 186 26.15 -3.31 -3.65
N SER A 187 26.20 -1.98 -3.60
CA SER A 187 27.06 -1.21 -4.48
C SER A 187 28.49 -1.69 -4.40
N GLN A 188 28.97 -1.91 -3.18
CA GLN A 188 30.32 -2.41 -2.97
C GLN A 188 30.48 -3.86 -3.39
N ALA A 189 29.49 -4.70 -3.08
CA ALA A 189 29.55 -6.12 -3.45
C ALA A 189 29.73 -6.32 -4.96
N LEU A 190 29.09 -5.48 -5.78
CA LEU A 190 29.20 -5.63 -7.22
C LEU A 190 30.02 -4.56 -7.93
N SER A 191 30.61 -3.64 -7.17
CA SER A 191 31.30 -2.47 -7.75
C SER A 191 30.41 -1.62 -8.66
N ILE A 192 29.13 -1.50 -8.33
CA ILE A 192 28.25 -0.62 -9.10
C ILE A 192 28.21 0.80 -8.53
N ALA A 193 28.79 1.75 -9.26
CA ALA A 193 28.74 3.17 -8.87
C ALA A 193 27.35 3.75 -9.11
N LEU A 194 26.78 4.28 -8.04
CA LEU A 194 25.37 4.62 -8.01
C LEU A 194 25.23 6.04 -7.46
N GLN A 195 24.33 6.83 -8.03
CA GLN A 195 23.98 8.13 -7.44
C GLN A 195 22.48 8.18 -7.13
N VAL A 196 22.14 8.58 -5.91
CA VAL A 196 20.73 8.74 -5.53
C VAL A 196 20.30 10.21 -5.39
N GLU A 197 19.33 10.63 -6.19
CA GLU A 197 18.74 11.98 -6.07
C GLU A 197 17.63 11.99 -5.01
N TYR A 198 17.79 12.86 -4.02
CA TYR A 198 16.90 12.91 -2.87
C TYR A 198 15.84 14.00 -3.10
N VAL A 199 14.58 13.60 -3.20
CA VAL A 199 13.51 14.56 -3.48
C VAL A 199 12.36 14.47 -2.45
N ASP A 200 12.30 15.43 -1.53
CA ASP A 200 11.24 15.45 -0.52
C ASP A 200 10.28 16.63 -0.70
N GLU A 201 9.30 16.75 0.19
CA GLU A 201 8.29 17.78 0.06
C GLU A 201 8.67 19.06 0.83
N MET A 202 9.88 19.08 1.38
CA MET A 202 10.36 20.28 2.08
C MET A 202 10.87 21.31 1.06
N ASP A 203 10.61 22.58 1.34
CA ASP A 203 11.00 23.66 0.42
C ASP A 203 12.50 23.91 0.46
N THR A 204 13.27 22.93 0.01
CA THR A 204 14.71 22.98 0.21
C THR A 204 15.47 22.83 -1.09
N ALA A 205 16.78 22.99 -1.04
CA ALA A 205 17.61 22.63 -2.19
C ALA A 205 17.65 21.11 -2.38
N LEU A 206 17.89 20.67 -3.61
CA LEU A 206 18.09 19.25 -3.90
C LEU A 206 19.45 18.81 -3.41
N ASN A 207 19.55 17.55 -3.01
CA ASN A 207 20.86 16.94 -2.76
C ASN A 207 20.90 15.48 -3.24
N HIS A 208 22.11 14.96 -3.43
CA HIS A 208 22.28 13.57 -3.83
C HIS A 208 23.42 12.89 -3.07
N HIS A 209 23.46 11.57 -3.13
CA HIS A 209 24.50 10.78 -2.48
C HIS A 209 25.12 9.84 -3.49
N VAL A 210 26.46 9.78 -3.51
CA VAL A 210 27.17 8.91 -4.45
C VAL A 210 27.82 7.72 -3.74
N PHE A 211 27.68 6.54 -4.31
CA PHE A 211 28.27 5.32 -3.76
C PHE A 211 29.06 4.57 -4.84
N PRO A 212 30.37 4.42 -4.64
CA PRO A 212 31.16 5.03 -3.55
C PRO A 212 31.33 6.53 -3.82
N GLU A 213 31.80 7.28 -2.83
CA GLU A 213 32.03 8.72 -2.97
C GLU A 213 32.98 9.02 -4.13
N ALA A 214 32.67 10.08 -4.89
CA ALA A 214 33.52 10.60 -5.98
C ALA A 214 33.77 9.62 -7.12
N ALA A 215 32.93 8.60 -7.23
CA ALA A 215 32.96 7.72 -8.40
C ALA A 215 32.06 8.33 -9.47
N THR A 216 32.31 7.97 -10.72
CA THR A 216 31.43 8.36 -11.82
C THR A 216 30.31 7.31 -11.94
N PRO A 217 29.07 7.70 -11.60
CA PRO A 217 28.02 6.68 -11.48
C PRO A 217 27.67 6.07 -12.81
N SER A 218 27.24 4.82 -12.80
CA SER A 218 26.70 4.21 -13.98
C SER A 218 25.18 4.16 -13.82
N VAL A 219 24.72 4.25 -12.58
CA VAL A 219 23.28 4.22 -12.27
C VAL A 219 22.85 5.46 -11.52
N TYR A 220 21.74 6.06 -11.97
CA TYR A 220 21.12 7.17 -11.25
C TYR A 220 19.70 6.79 -10.84
N LEU A 221 19.37 6.98 -9.57
CA LEU A 221 18.05 6.65 -9.07
C LEU A 221 17.39 7.87 -8.47
N LEU A 222 16.07 7.93 -8.57
CA LEU A 222 15.31 9.00 -7.98
C LEU A 222 14.61 8.47 -6.76
N TYR A 223 14.94 9.03 -5.61
CA TYR A 223 14.35 8.61 -4.35
C TYR A 223 13.31 9.64 -3.96
N LYS A 224 12.06 9.23 -3.95
CA LYS A 224 10.96 10.14 -3.72
C LYS A 224 9.78 9.39 -3.18
N THR A 225 9.14 9.93 -2.15
CA THR A 225 8.06 9.26 -1.46
C THR A 225 8.41 7.80 -1.09
N SER A 226 9.61 7.62 -0.56
CA SER A 226 10.10 6.32 -0.08
C SER A 226 10.09 5.28 -1.18
N HIS A 227 10.52 5.68 -2.37
CA HIS A 227 10.46 4.82 -3.54
C HIS A 227 11.61 5.16 -4.48
N TYR A 228 12.08 4.16 -5.22
CA TYR A 228 13.22 4.32 -6.12
C TYR A 228 12.85 4.11 -7.60
N ASN A 229 12.98 5.15 -8.42
CA ASN A 229 12.81 5.04 -9.88
C ASN A 229 14.14 5.31 -10.60
N ILE A 230 14.22 5.00 -11.89
CA ILE A 230 15.48 5.11 -12.63
C ILE A 230 15.58 6.42 -13.44
N LEU A 231 16.70 7.13 -13.32
CA LEU A 231 16.90 8.35 -14.07
C LEU A 231 17.93 8.15 -15.15
N TYR A 232 17.83 8.93 -16.21
CA TYR A 232 18.80 8.91 -17.29
C TYR A 232 19.42 10.29 -17.40
N ALA A 233 20.74 10.36 -17.29
CA ALA A 233 21.43 11.64 -17.31
C ALA A 233 21.55 12.18 -18.71
N ALA A 234 21.55 13.50 -18.84
CA ALA A 234 21.77 14.17 -20.12
C ALA A 234 23.23 14.01 -20.56
N ASP A 235 23.50 14.29 -21.84
CA ASP A 235 24.85 14.20 -22.37
C ASP A 235 25.59 15.53 -22.29
N ASP B 4 33.45 35.83 36.17
CA ASP B 4 33.73 34.97 35.02
C ASP B 4 34.68 33.81 35.38
N VAL B 5 34.10 32.63 35.53
CA VAL B 5 34.85 31.40 35.81
C VAL B 5 34.86 30.50 34.57
N PRO B 6 36.01 29.86 34.27
CA PRO B 6 36.06 29.06 33.03
C PRO B 6 35.19 27.82 33.02
N ASP B 7 34.64 27.57 31.84
CA ASP B 7 33.84 26.38 31.59
C ASP B 7 34.70 25.35 30.88
N TYR B 8 34.94 24.22 31.54
CA TYR B 8 35.86 23.23 31.01
C TYR B 8 35.15 22.03 30.37
N ALA B 9 33.87 22.22 30.06
CA ALA B 9 33.05 21.13 29.53
C ALA B 9 33.18 20.90 28.03
N HIS B 10 33.70 21.89 27.29
CA HIS B 10 33.84 21.75 25.85
C HIS B 10 34.77 20.58 25.51
N MET B 11 34.34 19.75 24.56
CA MET B 11 35.07 18.53 24.23
C MET B 11 34.95 18.18 22.76
N GLN B 12 35.69 17.16 22.36
CA GLN B 12 35.55 16.62 21.02
C GLN B 12 34.96 15.22 21.09
N ILE B 13 34.05 14.93 20.16
CA ILE B 13 33.61 13.56 19.92
C ILE B 13 33.84 13.21 18.46
N PHE B 14 33.82 11.90 18.16
CA PHE B 14 33.99 11.44 16.79
C PHE B 14 32.74 10.79 16.22
N VAL B 15 32.54 10.97 14.93
CA VAL B 15 31.45 10.34 14.21
C VAL B 15 32.01 9.54 13.05
N LYS B 16 31.75 8.24 13.08
CA LYS B 16 32.17 7.36 11.98
C LYS B 16 31.01 7.07 11.01
N THR B 17 31.34 7.01 9.72
CA THR B 17 30.35 6.79 8.67
C THR B 17 30.63 5.49 7.92
N LEU B 18 29.69 5.10 7.07
CA LEU B 18 29.81 3.87 6.30
C LEU B 18 30.90 3.92 5.24
N THR B 19 31.49 5.09 5.02
CA THR B 19 32.56 5.19 4.05
C THR B 19 33.90 4.99 4.71
N GLY B 20 33.90 4.79 6.02
CA GLY B 20 35.12 4.62 6.77
C GLY B 20 35.71 5.90 7.30
N LYS B 21 35.08 7.01 6.96
CA LYS B 21 35.54 8.33 7.38
C LYS B 21 35.20 8.61 8.84
N THR B 22 36.13 9.27 9.54
CA THR B 22 35.86 9.76 10.89
C THR B 22 35.75 11.28 10.93
N ILE B 23 34.61 11.77 11.37
CA ILE B 23 34.38 13.20 11.52
C ILE B 23 34.64 13.59 12.96
N THR B 24 35.28 14.73 13.19
CA THR B 24 35.48 15.16 14.56
C THR B 24 34.63 16.40 14.87
N LEU B 25 33.89 16.34 15.96
CA LEU B 25 32.94 17.41 16.31
C LEU B 25 33.30 18.16 17.59
N GLU B 26 33.01 19.46 17.62
CA GLU B 26 33.23 20.28 18.82
C GLU B 26 31.92 20.47 19.54
N VAL B 27 31.75 19.80 20.67
CA VAL B 27 30.46 19.77 21.33
C VAL B 27 30.52 20.07 22.83
N GLU B 28 29.34 20.18 23.42
CA GLU B 28 29.18 20.33 24.86
C GLU B 28 28.25 19.21 25.30
N PRO B 29 28.47 18.67 26.50
CA PRO B 29 27.61 17.60 27.00
C PRO B 29 26.12 17.95 27.00
N SER B 30 25.80 19.24 27.03
CA SER B 30 24.40 19.68 27.08
C SER B 30 23.80 19.90 25.69
N ASP B 31 24.61 19.71 24.64
CA ASP B 31 24.10 19.78 23.26
C ASP B 31 23.02 18.72 23.06
N THR B 32 21.97 19.08 22.32
CA THR B 32 20.97 18.11 21.91
C THR B 32 21.47 17.36 20.68
N ILE B 33 20.78 16.28 20.34
CA ILE B 33 21.13 15.50 19.17
C ILE B 33 20.93 16.33 17.88
N GLU B 34 19.87 17.14 17.84
CA GLU B 34 19.71 18.08 16.73
C GLU B 34 20.92 18.98 16.53
N ASN B 35 21.42 19.55 17.63
CA ASN B 35 22.59 20.40 17.57
C ASN B 35 23.75 19.66 16.95
N VAL B 36 23.91 18.40 17.34
CA VAL B 36 24.96 17.58 16.79
C VAL B 36 24.72 17.34 15.31
N LYS B 37 23.47 17.07 14.96
CA LYS B 37 23.12 16.84 13.57
C LYS B 37 23.40 18.10 12.75
N ALA B 38 23.11 19.26 13.34
CA ALA B 38 23.38 20.56 12.70
C ALA B 38 24.88 20.73 12.47
N LYS B 39 25.67 20.28 13.43
CA LYS B 39 27.12 20.36 13.32
C LYS B 39 27.63 19.43 12.23
N ILE B 40 27.00 18.26 12.07
CA ILE B 40 27.40 17.34 11.01
C ILE B 40 27.07 17.94 9.64
N GLN B 41 25.90 18.57 9.54
CA GLN B 41 25.54 19.27 8.31
C GLN B 41 26.56 20.34 7.92
N ASP B 42 27.02 21.13 8.90
CA ASP B 42 28.04 22.13 8.64
C ASP B 42 29.32 21.52 8.08
N LYS B 43 29.69 20.34 8.59
CA LYS B 43 30.92 19.68 8.14
C LYS B 43 30.74 18.86 6.88
N GLU B 44 29.58 18.24 6.70
CA GLU B 44 29.42 17.27 5.62
C GLU B 44 28.35 17.58 4.57
N GLY B 45 27.45 18.51 4.89
CA GLY B 45 26.43 18.90 3.94
C GLY B 45 25.29 17.91 3.88
N ILE B 46 25.12 17.16 4.96
CA ILE B 46 24.00 16.24 5.07
C ILE B 46 22.91 16.93 5.87
N PRO B 47 21.72 17.09 5.29
CA PRO B 47 20.62 17.66 6.08
C PRO B 47 20.28 16.78 7.27
N PRO B 48 20.04 17.38 8.43
CA PRO B 48 19.73 16.71 9.70
C PRO B 48 18.63 15.69 9.57
N ASP B 49 17.62 16.02 8.77
CA ASP B 49 16.48 15.13 8.53
C ASP B 49 16.91 13.81 7.91
N GLN B 50 18.05 13.82 7.24
CA GLN B 50 18.59 12.62 6.57
C GLN B 50 19.59 11.81 7.42
N GLN B 51 19.82 12.26 8.65
CA GLN B 51 20.81 11.65 9.53
C GLN B 51 20.22 10.78 10.63
N ARG B 52 20.82 9.62 10.82
CA ARG B 52 20.48 8.74 11.94
C ARG B 52 21.75 8.51 12.74
N LEU B 53 21.74 8.91 14.02
CA LEU B 53 22.92 8.75 14.89
C LEU B 53 22.80 7.59 15.87
N ILE B 54 23.88 6.85 16.01
CA ILE B 54 23.90 5.66 16.86
C ILE B 54 25.09 5.63 17.83
N PHE B 55 24.82 5.33 19.08
CA PHE B 55 25.88 5.20 20.08
C PHE B 55 25.75 3.87 20.77
N ALA B 56 26.75 3.01 20.61
CA ALA B 56 26.70 1.65 21.14
C ALA B 56 25.38 0.94 20.82
N GLY B 57 24.99 0.99 19.55
CA GLY B 57 23.82 0.26 19.10
C GLY B 57 22.48 0.90 19.43
N LYS B 58 22.51 2.01 20.15
CA LYS B 58 21.30 2.72 20.53
C LYS B 58 21.08 3.96 19.65
N GLN B 59 19.93 4.02 18.99
CA GLN B 59 19.61 5.20 18.17
C GLN B 59 19.42 6.41 19.07
N LEU B 60 19.97 7.54 18.63
CA LEU B 60 19.91 8.77 19.43
C LEU B 60 18.71 9.61 19.03
N GLU B 61 17.83 9.88 19.99
CA GLU B 61 16.62 10.67 19.69
C GLU B 61 16.91 12.15 19.73
N ASP B 62 16.22 12.90 18.87
CA ASP B 62 16.51 14.31 18.65
C ASP B 62 16.53 15.18 19.92
N GLY B 63 15.43 15.18 20.67
CA GLY B 63 15.31 16.07 21.83
C GLY B 63 16.21 15.79 23.03
N ARG B 64 16.91 14.67 23.03
CA ARG B 64 17.77 14.31 24.16
C ARG B 64 19.12 15.02 24.04
N THR B 65 19.92 14.95 25.12
CA THR B 65 21.27 15.54 25.12
C THR B 65 22.34 14.46 25.08
N LEU B 66 23.56 14.83 24.68
CA LEU B 66 24.69 13.91 24.72
C LEU B 66 24.89 13.31 26.11
N SER B 67 24.75 14.13 27.15
CA SER B 67 24.93 13.64 28.51
C SER B 67 23.84 12.63 28.87
N ASP B 68 22.68 12.76 28.24
CA ASP B 68 21.59 11.81 28.46
C ASP B 68 22.03 10.40 28.10
N TYR B 69 22.90 10.28 27.11
CA TYR B 69 23.40 8.98 26.67
C TYR B 69 24.76 8.64 27.27
N ASN B 70 25.22 9.43 28.24
CA ASN B 70 26.51 9.17 28.85
C ASN B 70 27.64 9.22 27.82
N ILE B 71 27.46 10.06 26.81
CA ILE B 71 28.48 10.25 25.81
C ILE B 71 29.53 11.21 26.36
N GLN B 72 30.74 10.70 26.53
CA GLN B 72 31.82 11.46 27.17
C GLN B 72 32.79 12.03 26.14
N LYS B 73 33.80 12.72 26.65
CA LYS B 73 34.88 13.23 25.83
C LYS B 73 35.49 12.09 25.05
N GLU B 74 35.86 12.35 23.80
CA GLU B 74 36.51 11.37 22.94
C GLU B 74 35.64 10.16 22.55
N SER B 75 34.35 10.17 22.89
CA SER B 75 33.44 9.10 22.49
C SER B 75 33.29 9.03 20.97
N THR B 76 32.87 7.86 20.48
CA THR B 76 32.67 7.70 19.05
C THR B 76 31.23 7.33 18.72
N LEU B 77 30.63 8.09 17.80
CA LEU B 77 29.27 7.83 17.34
C LEU B 77 29.27 7.26 15.92
N HIS B 78 28.16 6.62 15.55
CA HIS B 78 28.05 6.11 14.19
C HIS B 78 26.89 6.73 13.41
N LEU B 79 27.16 7.05 12.15
CA LEU B 79 26.20 7.78 11.32
C LEU B 79 25.78 6.98 10.08
N VAL B 80 24.47 6.82 9.91
CA VAL B 80 23.88 6.28 8.68
C VAL B 80 22.84 7.25 8.13
N LEU B 81 22.63 7.21 6.82
CA LEU B 81 21.63 8.04 6.16
C LEU B 81 20.26 7.39 6.19
N ARG B 82 19.21 8.19 6.07
CA ARG B 82 17.85 7.65 6.04
C ARG B 82 17.33 7.60 4.61
N LEU B 83 17.32 6.39 4.05
CA LEU B 83 17.15 6.17 2.63
C LEU B 83 16.20 5.00 2.40
N ARG B 84 15.30 4.79 3.34
CA ARG B 84 14.45 3.63 3.30
C ARG B 84 13.43 3.73 2.15
N GLY B 85 13.45 2.76 1.24
CA GLY B 85 12.51 2.77 0.12
C GLY B 85 12.16 1.39 -0.38
N GLU C 6 -38.77 -17.57 -22.03
CA GLU C 6 -39.49 -16.31 -21.82
C GLU C 6 -38.63 -15.26 -21.13
N THR C 7 -38.45 -14.11 -21.77
CA THR C 7 -37.54 -13.09 -21.25
C THR C 7 -38.07 -12.35 -20.01
N SER C 8 -37.25 -12.32 -18.96
CA SER C 8 -37.66 -11.70 -17.71
C SER C 8 -36.61 -10.71 -17.24
N PHE C 9 -37.07 -9.70 -16.49
CA PHE C 9 -36.24 -8.61 -15.98
C PHE C 9 -36.66 -8.31 -14.54
N ASN C 10 -37.19 -9.33 -13.88
CA ASN C 10 -37.72 -9.22 -12.52
C ASN C 10 -36.63 -9.11 -11.45
N LEU C 11 -35.41 -9.52 -11.76
CA LEU C 11 -34.35 -9.53 -10.74
C LEU C 11 -33.27 -8.49 -11.06
N ILE C 12 -32.88 -8.44 -12.33
CA ILE C 12 -32.02 -7.37 -12.84
C ILE C 12 -32.74 -6.72 -14.04
N SER C 13 -33.06 -5.43 -13.93
CA SER C 13 -33.91 -4.76 -14.93
C SER C 13 -33.15 -4.34 -16.18
N GLU C 14 -33.91 -3.89 -17.17
CA GLU C 14 -33.33 -3.31 -18.36
C GLU C 14 -32.72 -1.97 -18.00
N LYS C 15 -31.73 -1.55 -18.78
CA LYS C 15 -31.03 -0.30 -18.56
C LYS C 15 -31.81 0.92 -19.08
N CYS C 16 -32.06 1.92 -18.24
CA CYS C 16 -32.69 3.18 -18.67
C CYS C 16 -31.81 4.40 -18.35
N ASP C 17 -32.06 5.52 -19.04
CA ASP C 17 -31.40 6.78 -18.67
C ASP C 17 -31.65 7.13 -17.20
N ILE C 18 -30.64 7.69 -16.58
CA ILE C 18 -30.62 7.94 -15.14
C ILE C 18 -31.80 8.78 -14.63
N LEU C 19 -32.21 9.79 -15.38
CA LEU C 19 -33.27 10.65 -14.89
C LEU C 19 -34.65 9.96 -14.84
N SER C 20 -34.72 8.72 -15.33
CA SER C 20 -35.94 7.93 -15.23
C SER C 20 -36.41 7.81 -13.78
N ILE C 21 -35.47 7.82 -12.84
CA ILE C 21 -35.85 7.63 -11.44
C ILE C 21 -36.47 8.86 -10.76
N LEU C 22 -36.51 10.01 -11.45
CA LEU C 22 -37.27 11.14 -10.94
C LEU C 22 -38.72 10.73 -10.79
N ARG C 23 -39.14 9.75 -11.59
CA ARG C 23 -40.51 9.25 -11.58
C ARG C 23 -40.85 8.55 -10.28
N ASP C 24 -39.82 8.05 -9.60
CA ASP C 24 -39.98 7.41 -8.29
C ASP C 24 -40.20 8.41 -7.13
N HIS C 25 -39.79 9.66 -7.35
CA HIS C 25 -39.95 10.72 -6.36
C HIS C 25 -40.55 11.95 -7.02
N PRO C 26 -41.82 11.85 -7.42
CA PRO C 26 -42.47 12.92 -8.19
C PRO C 26 -42.60 14.21 -7.38
N GLU C 27 -42.72 14.09 -6.06
CA GLU C 27 -43.02 15.24 -5.21
C GLU C 27 -42.02 15.50 -4.09
N ASN C 28 -40.80 14.99 -4.22
CA ASN C 28 -39.77 15.28 -3.24
C ASN C 28 -38.62 16.07 -3.86
N ARG C 29 -38.58 17.36 -3.53
CA ARG C 29 -37.62 18.29 -4.13
C ARG C 29 -36.18 17.88 -3.83
N ILE C 30 -35.96 17.39 -2.61
CA ILE C 30 -34.64 16.93 -2.21
C ILE C 30 -34.15 15.73 -3.05
N TYR C 31 -34.97 14.69 -3.16
CA TYR C 31 -34.60 13.56 -4.04
C TYR C 31 -34.36 14.01 -5.49
N ARG C 32 -35.28 14.82 -6.02
CA ARG C 32 -35.13 15.31 -7.38
C ARG C 32 -33.80 16.02 -7.57
N ARG C 33 -33.45 16.89 -6.62
CA ARG C 33 -32.20 17.63 -6.70
C ARG C 33 -31.00 16.68 -6.71
N LYS C 34 -30.97 15.77 -5.75
CA LYS C 34 -29.88 14.78 -5.69
C LYS C 34 -29.79 13.94 -6.97
N ILE C 35 -30.93 13.53 -7.52
CA ILE C 35 -30.92 12.73 -8.74
C ILE C 35 -30.37 13.50 -9.94
N GLU C 36 -30.76 14.76 -10.05
CA GLU C 36 -30.23 15.65 -11.08
C GLU C 36 -28.72 15.79 -10.95
N GLU C 37 -28.27 15.94 -9.71
CA GLU C 37 -26.85 16.06 -9.42
C GLU C 37 -26.11 14.78 -9.84
N LEU C 38 -26.67 13.62 -9.48
CA LEU C 38 -26.10 12.33 -9.88
C LEU C 38 -25.89 12.24 -11.39
N SER C 39 -26.84 12.79 -12.14
CA SER C 39 -26.79 12.72 -13.60
C SER C 39 -25.56 13.40 -14.20
N LYS C 40 -24.88 14.24 -13.43
CA LYS C 40 -23.66 14.86 -13.94
C LYS C 40 -22.54 13.84 -14.09
N ARG C 41 -22.61 12.75 -13.34
CA ARG C 41 -21.53 11.78 -13.32
C ARG C 41 -22.00 10.41 -13.82
N PHE C 42 -23.29 10.14 -13.73
CA PHE C 42 -23.84 8.86 -14.18
C PHE C 42 -24.93 9.03 -15.24
N THR C 43 -24.88 8.20 -16.29
CA THR C 43 -25.79 8.30 -17.44
C THR C 43 -26.99 7.36 -17.37
N ALA C 44 -26.82 6.20 -16.74
CA ALA C 44 -27.87 5.19 -16.74
C ALA C 44 -27.99 4.39 -15.45
N ILE C 45 -29.08 3.64 -15.33
CA ILE C 45 -29.33 2.85 -14.14
C ILE C 45 -30.05 1.54 -14.48
N ARG C 46 -29.74 0.50 -13.71
CA ARG C 46 -30.51 -0.77 -13.71
C ARG C 46 -31.06 -0.99 -12.32
N LYS C 47 -32.34 -1.34 -12.21
CA LYS C 47 -32.90 -1.70 -10.91
C LYS C 47 -32.72 -3.19 -10.62
N THR C 48 -32.64 -3.53 -9.32
CA THR C 48 -32.56 -4.92 -8.91
C THR C 48 -33.77 -5.15 -8.02
N LYS C 49 -34.12 -6.39 -7.81
CA LYS C 49 -35.34 -6.68 -7.06
C LYS C 49 -35.15 -6.37 -5.58
N GLY C 50 -36.20 -5.87 -4.94
CA GLY C 50 -36.13 -5.58 -3.52
C GLY C 50 -36.44 -6.77 -2.63
N ASP C 51 -35.56 -7.77 -2.64
CA ASP C 51 -35.82 -9.02 -1.94
C ASP C 51 -34.85 -9.31 -0.78
N GLY C 52 -34.01 -8.35 -0.44
CA GLY C 52 -33.04 -8.61 0.62
C GLY C 52 -31.70 -9.03 0.06
N ASN C 53 -31.70 -9.43 -1.20
CA ASN C 53 -30.44 -9.89 -1.84
C ASN C 53 -29.81 -8.84 -2.74
N CYS C 54 -30.43 -7.66 -2.75
CA CYS C 54 -30.16 -6.65 -3.77
C CYS C 54 -28.68 -6.33 -3.91
N PHE C 55 -27.96 -6.19 -2.79
CA PHE C 55 -26.54 -5.82 -2.90
C PHE C 55 -25.73 -6.91 -3.58
N TYR C 56 -25.97 -8.15 -3.17
CA TYR C 56 -25.15 -9.26 -3.66
C TYR C 56 -25.46 -9.46 -5.12
N ARG C 57 -26.74 -9.44 -5.47
CA ARG C 57 -27.15 -9.62 -6.86
C ARG C 57 -26.59 -8.50 -7.76
N ALA C 58 -26.61 -7.28 -7.25
CA ALA C 58 -26.16 -6.13 -8.05
C ALA C 58 -24.66 -6.16 -8.27
N LEU C 59 -23.92 -6.54 -7.25
CA LEU C 59 -22.45 -6.52 -7.33
C LEU C 59 -22.01 -7.60 -8.29
N GLY C 60 -22.58 -8.78 -8.11
CA GLY C 60 -22.27 -9.90 -8.99
C GLY C 60 -22.56 -9.55 -10.44
N TYR C 61 -23.78 -9.09 -10.71
CA TYR C 61 -24.13 -8.76 -12.09
C TYR C 61 -23.24 -7.70 -12.71
N SER C 62 -23.11 -6.59 -12.01
CA SER C 62 -22.42 -5.42 -12.56
C SER C 62 -20.94 -5.69 -12.74
N TYR C 63 -20.35 -6.43 -11.80
CA TYR C 63 -18.92 -6.73 -11.93
C TYR C 63 -18.67 -7.68 -13.12
N LEU C 64 -19.50 -8.69 -13.24
CA LEU C 64 -19.38 -9.61 -14.38
C LEU C 64 -19.66 -8.87 -15.68
N GLU C 65 -20.69 -8.04 -15.69
CA GLU C 65 -20.97 -7.19 -16.86
C GLU C 65 -19.76 -6.32 -17.23
N SER C 66 -19.01 -5.84 -16.23
CA SER C 66 -17.86 -4.97 -16.51
C SER C 66 -16.68 -5.73 -17.11
N LEU C 67 -16.73 -7.05 -17.03
CA LEU C 67 -15.67 -7.91 -17.56
C LEU C 67 -15.85 -8.26 -19.02
N LEU C 68 -17.11 -8.22 -19.48
CA LEU C 68 -17.44 -8.54 -20.87
C LEU C 68 -16.47 -7.96 -21.88
N GLY C 69 -15.80 -8.82 -22.63
CA GLY C 69 -14.91 -8.35 -23.68
C GLY C 69 -13.49 -8.09 -23.22
N LYS C 70 -13.20 -8.36 -21.95
CA LYS C 70 -11.86 -8.11 -21.43
C LYS C 70 -11.17 -9.44 -21.09
N SER C 71 -10.58 -10.05 -22.10
CA SER C 71 -10.06 -11.40 -21.95
C SER C 71 -9.00 -11.50 -20.84
N ARG C 72 -8.10 -10.53 -20.74
CA ARG C 72 -7.03 -10.61 -19.74
C ARG C 72 -7.60 -10.48 -18.33
N GLU C 73 -8.48 -9.51 -18.13
CA GLU C 73 -9.09 -9.28 -16.84
C GLU C 73 -9.95 -10.49 -16.44
N ILE C 74 -10.63 -11.06 -17.43
CA ILE C 74 -11.45 -12.23 -17.19
C ILE C 74 -10.62 -13.42 -16.72
N PHE C 75 -9.48 -13.63 -17.37
CA PHE C 75 -8.59 -14.72 -17.00
C PHE C 75 -8.08 -14.59 -15.57
N LYS C 76 -7.65 -13.38 -15.22
CA LYS C 76 -7.14 -13.12 -13.89
C LYS C 76 -8.23 -13.34 -12.85
N PHE C 77 -9.46 -12.94 -13.14
CA PHE C 77 -10.54 -13.14 -12.18
C PHE C 77 -10.89 -14.62 -12.04
N LYS C 78 -10.85 -15.34 -13.16
CA LYS C 78 -11.13 -16.77 -13.15
C LYS C 78 -10.14 -17.51 -12.26
N GLU C 79 -8.87 -17.13 -12.34
CA GLU C 79 -7.83 -17.71 -11.49
C GLU C 79 -8.17 -17.52 -10.03
N ARG C 80 -8.69 -16.34 -9.70
CA ARG C 80 -9.03 -16.05 -8.31
C ARG C 80 -10.28 -16.84 -7.88
N VAL C 81 -11.23 -17.01 -8.79
CA VAL C 81 -12.44 -17.77 -8.46
C VAL C 81 -12.07 -19.23 -8.18
N LEU C 82 -11.05 -19.71 -8.86
CA LEU C 82 -10.60 -21.09 -8.67
C LEU C 82 -10.01 -21.35 -7.29
N GLN C 83 -9.49 -20.31 -6.65
CA GLN C 83 -8.92 -20.48 -5.31
C GLN C 83 -9.95 -20.35 -4.20
N THR C 84 -11.15 -19.84 -4.52
CA THR C 84 -12.17 -19.64 -3.49
C THR C 84 -12.68 -20.90 -2.74
N PRO C 85 -12.64 -22.08 -3.37
CA PRO C 85 -13.00 -23.24 -2.55
C PRO C 85 -12.06 -23.42 -1.34
N ASN C 86 -10.77 -23.18 -1.54
CA ASN C 86 -9.82 -23.20 -0.44
C ASN C 86 -10.22 -22.24 0.69
N ASP C 87 -10.65 -21.04 0.31
CA ASP C 87 -11.12 -20.05 1.27
C ASP C 87 -12.28 -20.61 2.08
N LEU C 88 -13.25 -21.19 1.39
CA LEU C 88 -14.43 -21.76 2.04
C LEU C 88 -14.07 -22.93 2.99
N LEU C 89 -13.16 -23.79 2.54
CA LEU C 89 -12.72 -24.91 3.39
C LEU C 89 -12.06 -24.40 4.67
N ALA C 90 -11.11 -23.48 4.50
CA ALA C 90 -10.41 -22.87 5.64
C ALA C 90 -11.34 -22.29 6.72
N ALA C 91 -12.52 -21.84 6.31
CA ALA C 91 -13.51 -21.27 7.21
C ALA C 91 -14.48 -22.32 7.75
N GLY C 92 -14.27 -23.58 7.37
CA GLY C 92 -15.05 -24.67 7.92
C GLY C 92 -16.31 -25.03 7.14
N PHE C 93 -16.49 -24.43 5.96
CA PHE C 93 -17.57 -24.87 5.08
C PHE C 93 -17.17 -26.20 4.45
N GLU C 94 -18.15 -27.07 4.20
CA GLU C 94 -17.88 -28.39 3.63
C GLU C 94 -18.18 -28.43 2.14
N GLU C 95 -17.23 -28.98 1.38
CA GLU C 95 -17.34 -29.00 -0.08
C GLU C 95 -18.66 -29.55 -0.60
N HIS C 96 -19.18 -30.58 0.04
CA HIS C 96 -20.43 -31.15 -0.47
C HIS C 96 -21.62 -30.24 -0.19
N LYS C 97 -21.41 -29.21 0.60
CA LYS C 97 -22.46 -28.26 0.89
C LYS C 97 -22.35 -26.99 0.06
N PHE C 98 -21.13 -26.64 -0.35
CA PHE C 98 -20.96 -25.43 -1.15
C PHE C 98 -20.86 -25.68 -2.64
N ARG C 99 -20.81 -26.96 -3.01
CA ARG C 99 -20.59 -27.38 -4.40
C ARG C 99 -21.49 -26.73 -5.46
N ASN C 100 -22.81 -26.76 -5.24
CA ASN C 100 -23.74 -26.23 -6.24
C ASN C 100 -23.62 -24.74 -6.42
N PHE C 101 -23.25 -24.05 -5.35
CA PHE C 101 -23.18 -22.61 -5.37
C PHE C 101 -21.89 -22.16 -6.04
N PHE C 102 -20.79 -22.81 -5.71
CA PHE C 102 -19.53 -22.56 -6.42
C PHE C 102 -19.69 -22.91 -7.89
N ASN C 103 -20.36 -24.01 -8.17
CA ASN C 103 -20.61 -24.42 -9.56
C ASN C 103 -21.35 -23.36 -10.34
N ALA C 104 -22.44 -22.85 -9.78
CA ALA C 104 -23.22 -21.81 -10.41
C ALA C 104 -22.36 -20.58 -10.73
N PHE C 105 -21.55 -20.15 -9.79
CA PHE C 105 -20.72 -18.98 -10.03
C PHE C 105 -19.63 -19.21 -11.10
N TYR C 106 -18.93 -20.33 -11.02
CA TYR C 106 -17.90 -20.66 -12.00
C TYR C 106 -18.52 -20.76 -13.40
N SER C 107 -19.72 -21.32 -13.48
CA SER C 107 -20.44 -21.40 -14.75
C SER C 107 -20.70 -20.03 -15.38
N VAL C 108 -21.17 -19.07 -14.59
CA VAL C 108 -21.45 -17.76 -15.15
C VAL C 108 -20.16 -17.01 -15.49
N VAL C 109 -19.09 -17.29 -14.77
CA VAL C 109 -17.79 -16.74 -15.14
C VAL C 109 -17.36 -17.27 -16.51
N GLU C 110 -17.55 -18.56 -16.74
CA GLU C 110 -17.14 -19.14 -18.00
C GLU C 110 -18.00 -18.61 -19.16
N LEU C 111 -19.26 -18.33 -18.86
CA LEU C 111 -20.17 -17.73 -19.83
C LEU C 111 -19.66 -16.38 -20.32
N VAL C 112 -19.20 -15.55 -19.38
CA VAL C 112 -18.55 -14.28 -19.68
C VAL C 112 -17.27 -14.52 -20.48
N GLU C 113 -16.49 -15.50 -20.07
CA GLU C 113 -15.21 -15.78 -20.70
C GLU C 113 -15.36 -16.17 -22.16
N LYS C 114 -16.30 -17.06 -22.43
CA LYS C 114 -16.48 -17.58 -23.78
C LYS C 114 -17.32 -16.62 -24.61
N ASP C 115 -16.84 -15.39 -24.73
CA ASP C 115 -17.48 -14.33 -25.52
C ASP C 115 -18.97 -14.15 -25.21
N GLY C 116 -19.28 -13.98 -23.94
CA GLY C 116 -20.66 -13.76 -23.54
C GLY C 116 -21.16 -12.40 -23.95
N SER C 117 -22.47 -12.24 -23.83
CA SER C 117 -23.09 -10.98 -24.18
C SER C 117 -23.81 -10.45 -22.96
N VAL C 118 -24.18 -9.17 -22.99
CA VAL C 118 -25.01 -8.59 -21.96
C VAL C 118 -26.30 -9.38 -21.87
N SER C 119 -26.83 -9.69 -23.03
CA SER C 119 -28.09 -10.41 -23.10
C SER C 119 -28.06 -11.81 -22.46
N SER C 120 -26.98 -12.56 -22.67
CA SER C 120 -26.88 -13.89 -22.05
C SER C 120 -26.65 -13.80 -20.54
N LEU C 121 -25.83 -12.83 -20.14
CA LEU C 121 -25.57 -12.58 -18.73
C LEU C 121 -26.88 -12.24 -18.00
N LEU C 122 -27.67 -11.36 -18.60
CA LEU C 122 -28.95 -10.97 -18.03
C LEU C 122 -29.87 -12.16 -17.85
N LYS C 123 -29.85 -13.07 -18.82
CA LYS C 123 -30.69 -14.26 -18.76
C LYS C 123 -30.36 -15.12 -17.55
N VAL C 124 -29.07 -15.25 -17.28
CA VAL C 124 -28.62 -16.00 -16.11
C VAL C 124 -29.09 -15.32 -14.82
N PHE C 125 -28.85 -14.01 -14.71
CA PHE C 125 -29.16 -13.29 -13.46
C PHE C 125 -30.65 -13.06 -13.28
N ASN C 126 -31.42 -13.27 -14.35
CA ASN C 126 -32.86 -13.21 -14.24
C ASN C 126 -33.54 -14.56 -14.15
N ASP C 127 -32.74 -15.64 -14.24
CA ASP C 127 -33.21 -16.99 -13.93
C ASP C 127 -33.18 -17.20 -12.42
N GLN C 128 -34.34 -17.42 -11.82
CA GLN C 128 -34.47 -17.38 -10.36
C GLN C 128 -33.50 -18.31 -9.67
N SER C 129 -33.46 -19.55 -10.14
CA SER C 129 -32.60 -20.54 -9.52
C SER C 129 -31.12 -20.22 -9.72
N ALA C 130 -30.69 -20.02 -10.96
CA ALA C 130 -29.28 -19.71 -11.20
C ALA C 130 -28.82 -18.43 -10.52
N SER C 131 -29.70 -17.45 -10.46
CA SER C 131 -29.34 -16.15 -9.92
C SER C 131 -29.22 -16.24 -8.40
N ASP C 132 -30.19 -16.89 -7.75
CA ASP C 132 -30.13 -17.13 -6.33
C ASP C 132 -28.91 -17.96 -5.91
N HIS C 133 -28.51 -18.90 -6.77
CA HIS C 133 -27.35 -19.75 -6.50
C HIS C 133 -26.07 -18.94 -6.51
N ILE C 134 -25.99 -18.00 -7.45
CA ILE C 134 -24.88 -17.05 -7.51
C ILE C 134 -24.84 -16.20 -6.24
N VAL C 135 -26.01 -15.71 -5.82
CA VAL C 135 -26.12 -14.90 -4.60
C VAL C 135 -25.68 -15.69 -3.37
N GLN C 136 -26.21 -16.91 -3.23
CA GLN C 136 -25.81 -17.76 -2.11
C GLN C 136 -24.30 -18.05 -2.08
N PHE C 137 -23.70 -18.23 -3.25
CA PHE C 137 -22.25 -18.39 -3.28
C PHE C 137 -21.53 -17.16 -2.79
N LEU C 138 -22.00 -15.99 -3.23
CA LEU C 138 -21.39 -14.74 -2.80
C LEU C 138 -21.54 -14.56 -1.29
N ARG C 139 -22.69 -14.94 -0.76
CA ARG C 139 -22.90 -14.89 0.69
C ARG C 139 -21.91 -15.76 1.45
N LEU C 140 -21.65 -16.97 0.94
CA LEU C 140 -20.76 -17.91 1.63
C LEU C 140 -19.34 -17.40 1.59
N LEU C 141 -18.96 -16.84 0.44
CA LEU C 141 -17.62 -16.30 0.29
C LEU C 141 -17.40 -15.12 1.23
N THR C 142 -18.45 -14.31 1.41
CA THR C 142 -18.39 -13.19 2.35
C THR C 142 -18.20 -13.69 3.78
N SER C 143 -18.99 -14.68 4.16
CA SER C 143 -18.87 -15.31 5.47
C SER C 143 -17.49 -15.91 5.71
N ALA C 144 -16.99 -16.67 4.73
CA ALA C 144 -15.63 -17.21 4.78
C ALA C 144 -14.57 -16.11 5.03
N PHE C 145 -14.65 -15.02 4.29
CA PHE C 145 -13.66 -13.95 4.42
C PHE C 145 -13.62 -13.43 5.86
N ILE C 146 -14.81 -13.24 6.43
CA ILE C 146 -14.95 -12.76 7.78
C ILE C 146 -14.47 -13.77 8.82
N ARG C 147 -14.94 -15.01 8.72
CA ARG C 147 -14.53 -16.06 9.63
C ARG C 147 -13.02 -16.27 9.61
N ASN C 148 -12.41 -16.17 8.43
CA ASN C 148 -10.96 -16.35 8.33
C ASN C 148 -10.18 -15.19 8.90
N ARG C 149 -10.87 -14.10 9.23
CA ARG C 149 -10.22 -12.94 9.84
C ARG C 149 -11.00 -12.51 11.07
N ALA C 150 -11.53 -13.46 11.83
CA ALA C 150 -12.41 -13.15 12.95
C ALA C 150 -11.75 -12.29 14.01
N ASP C 151 -10.42 -12.35 14.11
CA ASP C 151 -9.72 -11.56 15.12
C ASP C 151 -9.78 -10.07 14.80
N PHE C 152 -9.81 -9.74 13.52
CA PHE C 152 -9.98 -8.35 13.09
C PHE C 152 -11.43 -7.91 13.21
N PHE C 153 -12.34 -8.66 12.62
CA PHE C 153 -13.73 -8.21 12.49
C PHE C 153 -14.57 -8.27 13.77
N ARG C 154 -14.11 -9.02 14.77
CA ARG C 154 -14.92 -9.18 15.98
C ARG C 154 -15.09 -7.86 16.74
N HIS C 155 -14.13 -6.95 16.54
CA HIS C 155 -14.16 -5.66 17.21
C HIS C 155 -15.26 -4.74 16.69
N PHE C 156 -15.83 -5.08 15.53
CA PHE C 156 -16.79 -4.20 14.87
C PHE C 156 -18.21 -4.73 14.96
N ILE C 157 -18.43 -5.69 15.85
CA ILE C 157 -19.76 -6.27 16.02
C ILE C 157 -20.36 -5.74 17.29
N ASP C 158 -21.60 -5.28 17.21
CA ASP C 158 -22.27 -4.71 18.38
C ASP C 158 -23.17 -5.74 19.06
N GLU C 159 -23.91 -5.28 20.06
CA GLU C 159 -24.77 -6.16 20.85
C GLU C 159 -24.04 -7.37 21.43
N GLU C 160 -22.74 -7.23 21.67
CA GLU C 160 -21.92 -8.30 22.25
C GLU C 160 -22.21 -9.63 21.55
N MET C 161 -22.28 -9.60 20.23
CA MET C 161 -22.61 -10.79 19.47
C MET C 161 -21.33 -11.43 18.93
N ASP C 162 -21.30 -12.76 18.94
CA ASP C 162 -20.16 -13.51 18.45
C ASP C 162 -20.05 -13.42 16.92
N ILE C 163 -18.82 -13.36 16.41
CA ILE C 163 -18.59 -13.31 14.96
C ILE C 163 -19.27 -14.47 14.21
N LYS C 164 -19.12 -15.68 14.75
CA LYS C 164 -19.66 -16.86 14.11
C LYS C 164 -21.19 -16.80 14.04
N ASP C 165 -21.82 -16.34 15.11
CA ASP C 165 -23.26 -16.13 15.09
C ASP C 165 -23.64 -15.04 14.08
N PHE C 166 -22.82 -14.00 13.97
CA PHE C 166 -23.08 -12.94 13.01
C PHE C 166 -23.07 -13.50 11.59
N CYS C 167 -22.05 -14.27 11.23
CA CYS C 167 -22.00 -14.85 9.90
C CYS C 167 -23.16 -15.82 9.64
N THR C 168 -23.42 -16.66 10.63
CA THR C 168 -24.50 -17.63 10.53
C THR C 168 -25.87 -16.97 10.29
N HIS C 169 -26.16 -15.86 10.97
CA HIS C 169 -27.51 -15.28 10.85
C HIS C 169 -27.67 -14.01 9.98
N GLU C 170 -26.58 -13.37 9.59
CA GLU C 170 -26.71 -12.06 8.94
C GLU C 170 -25.86 -11.93 7.67
N VAL C 171 -25.04 -12.94 7.39
CA VAL C 171 -24.31 -13.02 6.12
C VAL C 171 -24.78 -14.20 5.26
N GLU C 172 -24.74 -15.40 5.82
CA GLU C 172 -25.06 -16.63 5.09
C GLU C 172 -26.50 -16.84 4.56
N PRO C 173 -27.53 -16.50 5.34
CA PRO C 173 -28.87 -16.82 4.83
C PRO C 173 -29.35 -15.90 3.70
N MET C 174 -30.04 -16.46 2.71
CA MET C 174 -30.66 -15.65 1.66
C MET C 174 -31.62 -14.62 2.27
N ALA C 175 -31.71 -13.46 1.62
CA ALA C 175 -32.66 -12.40 1.96
C ALA C 175 -32.31 -11.62 3.22
N THR C 176 -31.13 -11.88 3.77
CA THR C 176 -30.66 -11.08 4.89
C THR C 176 -29.88 -9.87 4.35
N GLU C 177 -30.31 -8.67 4.74
CA GLU C 177 -29.75 -7.44 4.20
C GLU C 177 -28.27 -7.30 4.51
N CYS C 178 -27.53 -6.75 3.56
CA CYS C 178 -26.10 -6.56 3.77
C CYS C 178 -25.87 -5.33 4.67
N ASP C 179 -24.61 -5.03 4.97
CA ASP C 179 -24.23 -3.82 5.70
C ASP C 179 -22.75 -3.62 5.44
N HIS C 180 -22.14 -2.64 6.11
CA HIS C 180 -20.77 -2.24 5.80
C HIS C 180 -19.76 -3.41 5.80
N ILE C 181 -19.83 -4.24 6.85
CA ILE C 181 -18.91 -5.36 7.02
C ILE C 181 -18.99 -6.30 5.84
N GLN C 182 -20.20 -6.78 5.56
CA GLN C 182 -20.43 -7.65 4.41
C GLN C 182 -19.91 -7.04 3.10
N ILE C 183 -20.24 -5.78 2.88
CA ILE C 183 -19.88 -5.09 1.65
C ILE C 183 -18.38 -5.03 1.45
N THR C 184 -17.64 -4.58 2.46
CA THR C 184 -16.19 -4.45 2.29
C THR C 184 -15.54 -5.83 2.31
N ALA C 185 -16.13 -6.77 3.04
CA ALA C 185 -15.59 -8.14 3.04
C ALA C 185 -15.69 -8.81 1.64
N LEU C 186 -16.86 -8.69 1.00
CA LEU C 186 -17.03 -9.28 -0.33
C LEU C 186 -16.12 -8.61 -1.35
N SER C 187 -16.08 -7.28 -1.29
CA SER C 187 -15.20 -6.50 -2.15
C SER C 187 -13.77 -6.98 -2.07
N GLN C 188 -13.28 -7.19 -0.84
CA GLN C 188 -11.92 -7.66 -0.66
C GLN C 188 -11.77 -9.12 -1.06
N ALA C 189 -12.76 -9.95 -0.73
CA ALA C 189 -12.73 -11.38 -1.09
C ALA C 189 -12.50 -11.63 -2.58
N LEU C 190 -13.12 -10.79 -3.43
CA LEU C 190 -13.04 -10.94 -4.88
C LEU C 190 -12.18 -9.88 -5.58
N SER C 191 -11.57 -8.98 -4.81
CA SER C 191 -10.88 -7.79 -5.35
C SER C 191 -11.76 -6.95 -6.30
N ILE C 192 -13.04 -6.81 -5.97
CA ILE C 192 -13.91 -5.95 -6.76
C ILE C 192 -13.95 -4.50 -6.23
N ALA C 193 -13.35 -3.57 -6.96
CA ALA C 193 -13.40 -2.14 -6.62
C ALA C 193 -14.81 -1.59 -6.83
N LEU C 194 -15.41 -1.10 -5.76
CA LEU C 194 -16.82 -0.75 -5.72
C LEU C 194 -16.95 0.69 -5.21
N GLN C 195 -17.84 1.48 -5.80
CA GLN C 195 -18.20 2.78 -5.25
C GLN C 195 -19.70 2.84 -4.93
N VAL C 196 -20.03 3.28 -3.72
CA VAL C 196 -21.45 3.40 -3.33
C VAL C 196 -21.88 4.86 -3.17
N GLU C 197 -22.85 5.28 -3.99
CA GLU C 197 -23.45 6.62 -3.89
C GLU C 197 -24.55 6.65 -2.85
N TYR C 198 -24.40 7.52 -1.86
CA TYR C 198 -25.33 7.58 -0.75
C TYR C 198 -26.37 8.67 -1.00
N VAL C 199 -27.63 8.28 -1.08
CA VAL C 199 -28.70 9.26 -1.34
C VAL C 199 -29.84 9.16 -0.34
N ASP C 200 -29.94 10.13 0.55
CA ASP C 200 -31.02 10.14 1.54
C ASP C 200 -31.95 11.34 1.38
N GLU C 201 -32.94 11.44 2.26
CA GLU C 201 -33.94 12.49 2.15
C GLU C 201 -33.56 13.77 2.91
N MET C 202 -32.34 13.80 3.46
CA MET C 202 -31.83 15.00 4.13
C MET C 202 -31.33 16.01 3.13
N ASP C 203 -31.63 17.29 3.38
CA ASP C 203 -31.21 18.37 2.48
C ASP C 203 -29.70 18.61 2.54
N THR C 204 -28.93 17.64 2.10
CA THR C 204 -27.49 17.67 2.28
C THR C 204 -26.74 17.53 0.97
N ALA C 205 -25.43 17.69 1.00
CA ALA C 205 -24.63 17.34 -0.16
C ALA C 205 -24.55 15.81 -0.32
N LEU C 206 -24.28 15.35 -1.54
CA LEU C 206 -24.08 13.92 -1.79
C LEU C 206 -22.72 13.47 -1.27
N ASN C 207 -22.66 12.21 -0.84
CA ASN C 207 -21.37 11.58 -0.55
C ASN C 207 -21.32 10.15 -1.07
N HIS C 208 -20.11 9.66 -1.30
CA HIS C 208 -19.90 8.27 -1.67
C HIS C 208 -18.77 7.59 -0.89
N HIS C 209 -18.74 6.26 -0.97
CA HIS C 209 -17.78 5.44 -0.27
C HIS C 209 -17.10 4.49 -1.27
N VAL C 210 -15.78 4.46 -1.31
CA VAL C 210 -15.05 3.59 -2.22
C VAL C 210 -14.39 2.41 -1.50
N PHE C 211 -14.53 1.21 -2.06
CA PHE C 211 -13.94 0.00 -1.49
C PHE C 211 -13.12 -0.75 -2.55
N PRO C 212 -11.81 -0.89 -2.34
CA PRO C 212 -11.04 -0.28 -1.26
C PRO C 212 -10.86 1.21 -1.56
N GLU C 213 -10.40 1.98 -0.58
CA GLU C 213 -10.21 3.41 -0.77
C GLU C 213 -9.20 3.71 -1.87
N ALA C 214 -9.48 4.74 -2.64
CA ALA C 214 -8.60 5.25 -3.69
C ALA C 214 -8.39 4.29 -4.86
N ALA C 215 -9.26 3.30 -4.96
CA ALA C 215 -9.23 2.39 -6.09
C ALA C 215 -10.10 2.98 -7.20
N THR C 216 -9.83 2.61 -8.45
CA THR C 216 -10.71 2.96 -9.58
C THR C 216 -11.84 1.93 -9.69
N PRO C 217 -13.08 2.33 -9.33
CA PRO C 217 -14.13 1.33 -9.20
C PRO C 217 -14.45 0.69 -10.55
N SER C 218 -14.92 -0.55 -10.50
CA SER C 218 -15.43 -1.16 -11.70
C SER C 218 -16.95 -1.26 -11.52
N VAL C 219 -17.43 -1.18 -10.29
CA VAL C 219 -18.88 -1.18 -10.03
C VAL C 219 -19.29 0.09 -9.28
N TYR C 220 -20.41 0.67 -9.68
CA TYR C 220 -21.02 1.80 -8.99
C TYR C 220 -22.44 1.43 -8.64
N LEU C 221 -22.82 1.64 -7.39
CA LEU C 221 -24.17 1.32 -6.94
C LEU C 221 -24.81 2.54 -6.31
N LEU C 222 -26.13 2.59 -6.41
CA LEU C 222 -26.88 3.66 -5.80
C LEU C 222 -27.58 3.14 -4.58
N TYR C 223 -27.23 3.71 -3.43
CA TYR C 223 -27.83 3.29 -2.20
C TYR C 223 -28.89 4.32 -1.83
N LYS C 224 -30.15 3.90 -1.85
CA LYS C 224 -31.24 4.83 -1.64
C LYS C 224 -32.46 4.07 -1.12
N THR C 225 -33.09 4.63 -0.09
CA THR C 225 -34.17 3.95 0.63
C THR C 225 -33.81 2.50 1.00
N SER C 226 -32.60 2.32 1.54
CA SER C 226 -32.14 1.03 2.05
C SER C 226 -32.13 -0.02 0.94
N HIS C 227 -31.71 0.37 -0.25
CA HIS C 227 -31.75 -0.51 -1.41
C HIS C 227 -30.62 -0.17 -2.37
N TYR C 228 -30.11 -1.20 -3.08
CA TYR C 228 -28.97 -1.00 -3.98
C TYR C 228 -29.34 -1.22 -5.46
N ASN C 229 -29.22 -0.19 -6.29
CA ASN C 229 -29.35 -0.33 -7.75
C ASN C 229 -28.00 -0.06 -8.44
N ILE C 230 -27.91 -0.35 -9.73
CA ILE C 230 -26.63 -0.28 -10.43
C ILE C 230 -26.55 0.99 -11.27
N LEU C 231 -25.41 1.67 -11.21
CA LEU C 231 -25.22 2.94 -11.92
C LEU C 231 -24.18 2.75 -12.98
N TYR C 232 -24.28 3.54 -14.05
CA TYR C 232 -23.32 3.52 -15.14
C TYR C 232 -22.69 4.90 -15.27
N ALA C 233 -21.37 4.95 -15.13
CA ALA C 233 -20.67 6.23 -15.16
C ALA C 233 -20.58 6.75 -16.56
N ALA C 234 -20.58 8.08 -16.69
CA ALA C 234 -20.32 8.72 -17.98
C ALA C 234 -18.84 8.62 -18.37
N ASP C 235 -18.53 9.06 -19.57
CA ASP C 235 -17.14 9.06 -20.04
C ASP C 235 -16.83 10.30 -20.88
N ASP D 4 -8.35 32.75 37.20
CA ASP D 4 -9.05 31.52 36.83
C ASP D 4 -8.29 30.27 37.26
N VAL D 5 -8.69 29.12 36.73
CA VAL D 5 -8.04 27.85 37.07
C VAL D 5 -7.99 26.91 35.87
N PRO D 6 -6.85 26.22 35.70
CA PRO D 6 -6.61 25.36 34.54
C PRO D 6 -7.60 24.17 34.47
N ASP D 7 -8.09 23.86 33.28
CA ASP D 7 -8.91 22.68 33.07
C ASP D 7 -8.04 21.61 32.43
N TYR D 8 -7.80 20.54 33.17
CA TYR D 8 -6.87 19.49 32.76
C TYR D 8 -7.58 18.28 32.15
N ALA D 9 -8.85 18.45 31.76
CA ALA D 9 -9.67 17.33 31.29
C ALA D 9 -9.52 17.01 29.79
N HIS D 10 -8.99 17.96 29.00
CA HIS D 10 -8.84 17.74 27.56
C HIS D 10 -7.91 16.55 27.28
N MET D 11 -8.32 15.68 26.37
CA MET D 11 -7.57 14.46 26.11
C MET D 11 -7.71 14.01 24.67
N GLN D 12 -6.98 12.94 24.33
CA GLN D 12 -7.06 12.32 23.01
C GLN D 12 -7.71 10.95 23.17
N ILE D 13 -8.61 10.62 22.24
CA ILE D 13 -9.07 9.24 22.05
C ILE D 13 -8.83 8.82 20.61
N PHE D 14 -8.90 7.51 20.38
CA PHE D 14 -8.65 6.93 19.06
C PHE D 14 -9.89 6.25 18.51
N VAL D 15 -10.09 6.40 17.21
CA VAL D 15 -11.16 5.67 16.52
C VAL D 15 -10.59 4.84 15.38
N LYS D 16 -10.88 3.54 15.43
CA LYS D 16 -10.42 2.63 14.40
C LYS D 16 -11.56 2.30 13.43
N THR D 17 -11.21 2.15 12.17
CA THR D 17 -12.19 1.89 11.09
C THR D 17 -11.93 0.55 10.42
N LEU D 18 -12.86 0.13 9.56
CA LEU D 18 -12.74 -1.13 8.83
C LEU D 18 -11.62 -1.14 7.79
N THR D 19 -11.05 0.03 7.52
CA THR D 19 -9.93 0.09 6.58
C THR D 19 -8.60 -0.11 7.28
N GLY D 20 -8.64 -0.21 8.60
CA GLY D 20 -7.42 -0.37 9.37
C GLY D 20 -6.84 0.95 9.85
N LYS D 21 -7.44 2.05 9.43
CA LYS D 21 -6.96 3.36 9.83
C LYS D 21 -7.33 3.72 11.26
N THR D 22 -6.43 4.42 11.95
CA THR D 22 -6.71 4.96 13.26
C THR D 22 -6.80 6.49 13.22
N ILE D 23 -7.95 7.02 13.64
CA ILE D 23 -8.19 8.45 13.72
C ILE D 23 -7.93 8.93 15.15
N THR D 24 -7.29 10.09 15.32
CA THR D 24 -7.10 10.64 16.66
C THR D 24 -7.99 11.86 16.88
N LEU D 25 -8.77 11.83 17.96
CA LEU D 25 -9.71 12.92 18.25
C LEU D 25 -9.33 13.72 19.49
N GLU D 26 -9.62 15.02 19.45
CA GLU D 26 -9.37 15.88 20.59
C GLU D 26 -10.69 16.16 21.31
N VAL D 27 -10.89 15.52 22.45
CA VAL D 27 -12.18 15.57 23.11
C VAL D 27 -12.15 15.93 24.60
N GLU D 28 -13.34 16.04 25.17
CA GLU D 28 -13.53 16.28 26.60
C GLU D 28 -14.47 15.19 27.09
N PRO D 29 -14.29 14.73 28.33
CA PRO D 29 -15.12 13.67 28.90
C PRO D 29 -16.61 14.00 28.83
N SER D 30 -16.92 15.30 28.78
CA SER D 30 -18.30 15.76 28.78
C SER D 30 -18.91 15.88 27.38
N ASP D 31 -18.10 15.61 26.35
CA ASP D 31 -18.61 15.65 24.98
C ASP D 31 -19.66 14.57 24.80
N THR D 32 -20.74 14.87 24.07
CA THR D 32 -21.70 13.83 23.70
C THR D 32 -21.20 13.07 22.49
N ILE D 33 -21.88 11.96 22.19
CA ILE D 33 -21.53 11.12 21.07
C ILE D 33 -21.69 11.88 19.74
N GLU D 34 -22.75 12.68 19.66
CA GLU D 34 -22.95 13.57 18.51
C GLU D 34 -21.75 14.47 18.26
N ASN D 35 -21.23 15.09 19.33
CA ASN D 35 -20.06 15.95 19.20
C ASN D 35 -18.88 15.18 18.66
N VAL D 36 -18.74 13.93 19.11
CA VAL D 36 -17.70 13.05 18.64
C VAL D 36 -17.91 12.74 17.17
N LYS D 37 -19.16 12.46 16.81
CA LYS D 37 -19.47 12.17 15.41
C LYS D 37 -19.19 13.39 14.54
N ALA D 38 -19.49 14.57 15.06
CA ALA D 38 -19.22 15.81 14.34
C ALA D 38 -17.72 15.98 14.15
N LYS D 39 -16.94 15.58 15.14
CA LYS D 39 -15.48 15.65 15.04
C LYS D 39 -14.95 14.69 13.98
N ILE D 40 -15.56 13.51 13.90
CA ILE D 40 -15.17 12.53 12.89
C ILE D 40 -15.48 13.03 11.47
N GLN D 41 -16.65 13.66 11.33
CA GLN D 41 -17.02 14.33 10.10
C GLN D 41 -15.97 15.34 9.65
N ASP D 42 -15.53 16.19 10.59
CA ASP D 42 -14.52 17.20 10.28
C ASP D 42 -13.23 16.57 9.77
N LYS D 43 -12.88 15.42 10.35
CA LYS D 43 -11.66 14.70 9.99
C LYS D 43 -11.80 13.83 8.74
N GLU D 44 -12.96 13.20 8.58
CA GLU D 44 -13.12 12.16 7.56
C GLU D 44 -14.16 12.43 6.47
N GLY D 45 -15.06 13.39 6.71
CA GLY D 45 -16.08 13.73 5.73
C GLY D 45 -17.22 12.74 5.72
N ILE D 46 -17.40 12.02 6.83
CA ILE D 46 -18.54 11.12 6.99
C ILE D 46 -19.63 11.85 7.77
N PRO D 47 -20.82 11.99 7.17
CA PRO D 47 -21.94 12.59 7.88
C PRO D 47 -22.26 11.80 9.13
N PRO D 48 -22.57 12.48 10.23
CA PRO D 48 -22.82 11.82 11.53
C PRO D 48 -23.94 10.80 11.45
N ASP D 49 -24.93 11.08 10.61
CA ASP D 49 -26.06 10.18 10.40
C ASP D 49 -25.62 8.83 9.87
N GLN D 50 -24.48 8.79 9.19
CA GLN D 50 -23.96 7.56 8.59
C GLN D 50 -22.97 6.82 9.50
N GLN D 51 -22.76 7.35 10.71
CA GLN D 51 -21.78 6.77 11.64
C GLN D 51 -22.39 5.93 12.76
N ARG D 52 -21.77 4.80 13.04
CA ARG D 52 -22.11 3.99 14.19
C ARG D 52 -20.84 3.80 15.03
N LEU D 53 -20.87 4.25 16.29
CA LEU D 53 -19.70 4.14 17.16
C LEU D 53 -19.82 3.04 18.21
N ILE D 54 -18.74 2.29 18.38
CA ILE D 54 -18.73 1.16 19.33
C ILE D 54 -17.52 1.19 20.27
N PHE D 55 -17.78 0.99 21.56
CA PHE D 55 -16.72 0.89 22.56
C PHE D 55 -16.89 -0.40 23.33
N ALA D 56 -15.92 -1.29 23.19
CA ALA D 56 -15.98 -2.61 23.81
C ALA D 56 -17.29 -3.34 23.51
N GLY D 57 -17.68 -3.35 22.23
CA GLY D 57 -18.83 -4.12 21.81
C GLY D 57 -20.16 -3.46 22.09
N LYS D 58 -20.14 -2.33 22.77
CA LYS D 58 -21.38 -1.59 23.07
C LYS D 58 -21.57 -0.40 22.13
N GLN D 59 -22.70 -0.37 21.45
CA GLN D 59 -23.03 0.73 20.56
C GLN D 59 -23.23 1.99 21.39
N LEU D 60 -22.70 3.12 20.93
CA LEU D 60 -22.77 4.37 21.68
C LEU D 60 -23.94 5.22 21.21
N GLU D 61 -24.88 5.51 22.11
CA GLU D 61 -26.05 6.29 21.72
C GLU D 61 -25.78 7.79 21.74
N ASP D 62 -26.43 8.51 20.84
CA ASP D 62 -26.11 9.91 20.57
C ASP D 62 -26.11 10.85 21.79
N GLY D 63 -27.21 10.88 22.53
CA GLY D 63 -27.37 11.82 23.63
C GLY D 63 -26.48 11.62 24.86
N ARG D 64 -25.78 10.49 24.93
CA ARG D 64 -24.92 10.20 26.08
C ARG D 64 -23.57 10.91 25.96
N THR D 65 -22.78 10.92 27.04
CA THR D 65 -21.44 11.49 27.01
C THR D 65 -20.36 10.40 27.05
N LEU D 66 -19.13 10.77 26.68
CA LEU D 66 -18.00 9.86 26.76
C LEU D 66 -17.83 9.32 28.18
N SER D 67 -17.96 10.19 29.16
CA SER D 67 -17.78 9.75 30.55
C SER D 67 -18.91 8.80 30.98
N ASP D 68 -20.06 8.88 30.30
CA ASP D 68 -21.15 7.95 30.57
C ASP D 68 -20.73 6.51 30.28
N TYR D 69 -19.81 6.34 29.33
CA TYR D 69 -19.33 5.01 28.95
C TYR D 69 -17.96 4.67 29.56
N ASN D 70 -17.52 5.51 30.48
CA ASN D 70 -16.21 5.37 31.10
C ASN D 70 -15.08 5.33 30.08
N ILE D 71 -15.27 6.10 29.02
CA ILE D 71 -14.24 6.28 28.01
C ILE D 71 -13.19 7.23 28.57
N GLN D 72 -11.98 6.74 28.79
CA GLN D 72 -10.94 7.57 29.37
C GLN D 72 -9.93 8.04 28.33
N LYS D 73 -8.93 8.76 28.82
CA LYS D 73 -7.82 9.22 27.98
C LYS D 73 -7.21 8.03 27.25
N GLU D 74 -6.84 8.25 25.99
CA GLU D 74 -6.19 7.21 25.18
C GLU D 74 -7.05 5.97 24.87
N SER D 75 -8.34 6.00 25.20
CA SER D 75 -9.24 4.91 24.86
C SER D 75 -9.38 4.75 23.33
N THR D 76 -9.79 3.56 22.89
CA THR D 76 -9.97 3.31 21.46
C THR D 76 -11.42 2.93 21.13
N LEU D 77 -12.00 3.65 20.17
CA LEU D 77 -13.37 3.40 19.69
C LEU D 77 -13.37 2.75 18.31
N HIS D 78 -14.47 2.07 17.99
CA HIS D 78 -14.62 1.44 16.67
C HIS D 78 -15.74 2.04 15.82
N LEU D 79 -15.44 2.28 14.56
CA LEU D 79 -16.39 2.94 13.66
C LEU D 79 -16.80 2.05 12.49
N VAL D 80 -18.11 1.87 12.32
CA VAL D 80 -18.69 1.33 11.07
C VAL D 80 -19.72 2.29 10.46
N LEU D 81 -19.90 2.19 9.14
CA LEU D 81 -20.90 2.98 8.42
C LEU D 81 -22.28 2.32 8.48
N ARG D 82 -23.33 3.12 8.32
CA ARG D 82 -24.69 2.58 8.31
C ARG D 82 -25.17 2.45 6.87
N LEU D 83 -25.18 1.22 6.38
CA LEU D 83 -25.33 0.95 4.97
C LEU D 83 -26.29 -0.22 4.80
N ARG D 84 -27.17 -0.42 5.75
CA ARG D 84 -28.03 -1.59 5.74
C ARG D 84 -29.03 -1.52 4.57
N GLY D 85 -29.03 -2.53 3.72
CA GLY D 85 -29.94 -2.56 2.59
C GLY D 85 -30.26 -3.96 2.10
C1 GOL E . 4.10 0.24 -14.10
O1 GOL E . 4.92 0.25 -15.23
C2 GOL E . 4.96 0.47 -12.87
O2 GOL E . 6.21 -0.16 -13.02
C3 GOL E . 4.25 -0.03 -11.61
O3 GOL E . 3.42 -1.13 -11.93
C1 GOL F . 13.21 9.31 -24.97
O1 GOL F . 11.99 9.75 -24.40
C2 GOL F . 12.97 7.86 -25.36
O2 GOL F . 11.71 7.51 -24.83
C3 GOL F . 12.94 7.76 -26.89
O3 GOL F . 12.83 6.42 -27.31
C1 GOL G . 10.77 11.96 2.35
O1 GOL G . 9.68 11.16 2.76
C2 GOL G . 11.79 11.07 1.67
O2 GOL G . 11.22 9.82 1.38
C3 GOL G . 12.20 11.71 0.35
O3 GOL G . 12.51 10.65 -0.54
N NEH H . 10.98 1.24 -1.01
CA NEH H . 10.45 0.11 -1.73
CB NEH H . 10.09 0.49 -3.13
C1 GOL I . -37.28 -3.94 -9.43
O1 GOL I . -37.90 -2.67 -9.45
C2 GOL I . -37.66 -4.72 -10.68
O2 GOL I . -38.32 -5.91 -10.28
C3 GOL I . -36.39 -5.08 -11.42
O3 GOL I . -36.75 -5.33 -12.75
C1 GOL J . -41.46 5.98 -19.39
O1 GOL J . -42.03 6.52 -20.57
C2 GOL J . -40.16 5.24 -19.71
O2 GOL J . -39.55 5.85 -20.83
C3 GOL J . -39.21 5.29 -18.51
O3 GOL J . -39.32 4.12 -17.72
C1 GOL K . -37.63 -1.67 -13.81
O1 GOL K . -38.55 -1.64 -12.73
C2 GOL K . -37.53 -0.31 -14.49
O2 GOL K . -36.38 -0.27 -15.31
C3 GOL K . -38.78 -0.05 -15.33
O3 GOL K . -38.51 -0.21 -16.70
N NEH L . -31.17 -4.16 1.02
CA NEH L . -31.93 -5.16 0.31
CB NEH L . -32.21 -4.79 -1.12
#